data_7NF1
#
_entry.id   7NF1
#
_cell.length_a   74.647
_cell.length_b   74.647
_cell.length_c   345.752
_cell.angle_alpha   90.00
_cell.angle_beta   90.00
_cell.angle_gamma   120.00
#
_symmetry.space_group_name_H-M   'P 32 2 1'
#
loop_
_entity.id
_entity.type
_entity.pdbx_description
1 polymer 'Ferulic acid decarboxylase 1'
2 non-polymer 'prFMN cofactor and butynoic acid adduct'
3 non-polymer 'POTASSIUM ION'
4 non-polymer 'MANGANESE (II) ION'
5 water water
#
_entity_poly.entity_id   1
_entity_poly.type   'polypeptide(L)'
_entity_poly.pdbx_seq_one_letter_code
;MHHHHHHMSSTTYKSEAFDPEPPHLSFRSFVNALRQDGDLVDINEPVDPDLEAAAITRLVCETDDKAPLFNNVIGAKDGL
WRILGAPASLRSSPKERFGRLARHLALPPTASAKDILDKMLSANSIPPIEPVIVPTGPVKENSIEGENIDLEALPAPMVH
QSDGGKYIQTYGMHVIQSPDGCWTNWSIARAMVSGKRTLAGLVISPQHIRKIQDQWRAIGQEEIPWALAFGVPPTAIMAS
SMPIPDGVSEAGYVGAIAGEPIKLVKCDTNNLYVPANSEIVLEGTLSTTKMAPEGPFGEMHGYVYPGESHPAPVYTVNKI
TYRNNAILPMSACGRLTDETQTMIGTLAAAEIRQLCQRAGLPITDAFAPFVGQATWVALKVDTHRLRAMKTNGKAFAKRV
GDVVFTQKVGYMIHRLILVGDDIDVYDDKDVMWAFATRCRPGTDEVFFDDVPGFWLIPYMSHGNAEAIKGGKVVSDALLT
AEYTTGKDWESADFKNSYPKSIQDKVLNSWERLGFKKLD
;
_entity_poly.pdbx_strand_id   A,B
#
loop_
_chem_comp.id
_chem_comp.type
_chem_comp.name
_chem_comp.formula
JRK non-polymer 'prFMN cofactor and butynoic acid adduct' 'C26 H33 N4 O11 P'
K non-polymer 'POTASSIUM ION' 'K 1'
MN non-polymer 'MANGANESE (II) ION' 'Mn 2'
#
# COMPACT_ATOMS: atom_id res chain seq x y z
N GLU A 21 -34.21 -16.10 16.08
CA GLU A 21 -33.55 -14.74 16.15
C GLU A 21 -32.73 -14.49 14.87
N PRO A 22 -32.69 -13.26 14.36
CA PRO A 22 -31.91 -13.01 13.15
C PRO A 22 -30.41 -13.16 13.40
N PRO A 23 -29.64 -13.29 12.29
CA PRO A 23 -28.19 -13.43 12.33
C PRO A 23 -27.46 -12.38 13.19
N HIS A 24 -27.90 -11.14 13.22
CA HIS A 24 -27.13 -10.10 13.97
C HIS A 24 -27.40 -10.20 15.48
N LEU A 25 -28.38 -11.01 15.93
CA LEU A 25 -28.82 -11.14 17.34
C LEU A 25 -28.55 -12.54 17.88
N SER A 26 -28.03 -13.46 17.06
CA SER A 26 -27.74 -14.84 17.50
C SER A 26 -26.51 -15.34 16.74
N PHE A 27 -25.47 -15.75 17.45
CA PHE A 27 -24.27 -16.29 16.81
C PHE A 27 -24.63 -17.53 15.97
N ARG A 28 -25.48 -18.39 16.49
CA ARG A 28 -25.89 -19.63 15.80
C ARG A 28 -26.61 -19.27 14.49
N SER A 29 -27.49 -18.26 14.50
CA SER A 29 -28.15 -17.79 13.24
C SER A 29 -27.10 -17.21 12.30
N PHE A 30 -26.10 -16.51 12.84
CA PHE A 30 -25.02 -15.89 12.06
C PHE A 30 -24.22 -16.98 11.34
N VAL A 31 -23.84 -18.06 12.03
CA VAL A 31 -23.07 -19.18 11.40
C VAL A 31 -23.91 -19.74 10.24
N ASN A 32 -25.20 -19.93 10.47
CA ASN A 32 -26.06 -20.47 9.39
C ASN A 32 -26.17 -19.45 8.24
N ALA A 33 -26.22 -18.16 8.53
CA ALA A 33 -26.17 -17.11 7.47
C ALA A 33 -24.91 -17.23 6.62
N LEU A 34 -23.74 -17.47 7.23
CA LEU A 34 -22.51 -17.58 6.42
C LEU A 34 -22.64 -18.84 5.54
N ARG A 35 -23.22 -19.90 6.07
CA ARG A 35 -23.41 -21.19 5.35
C ARG A 35 -24.34 -20.92 4.16
N GLN A 36 -25.44 -20.24 4.41
CA GLN A 36 -26.40 -19.87 3.32
C GLN A 36 -25.68 -19.04 2.25
N ASP A 37 -24.78 -18.12 2.64
CA ASP A 37 -24.05 -17.22 1.71
C ASP A 37 -22.98 -17.96 0.88
N GLY A 38 -22.68 -19.23 1.15
CA GLY A 38 -21.51 -19.93 0.59
C GLY A 38 -20.22 -19.34 1.12
N ASP A 39 -20.24 -18.87 2.38
CA ASP A 39 -19.08 -18.15 2.99
C ASP A 39 -18.52 -18.97 4.16
N LEU A 40 -18.81 -20.25 4.20
CA LEU A 40 -18.44 -21.11 5.35
C LEU A 40 -18.06 -22.49 4.88
N VAL A 41 -16.97 -23.04 5.40
CA VAL A 41 -16.59 -24.45 5.10
C VAL A 41 -16.84 -25.26 6.36
N ASP A 42 -17.68 -26.29 6.28
CA ASP A 42 -17.89 -27.25 7.38
C ASP A 42 -16.75 -28.28 7.30
N ILE A 43 -15.80 -28.25 8.24
CA ILE A 43 -14.72 -29.27 8.32
C ILE A 43 -15.18 -30.33 9.29
N ASN A 44 -15.55 -31.51 8.77
CA ASN A 44 -16.11 -32.61 9.60
C ASN A 44 -15.01 -33.62 9.92
N GLU A 45 -13.85 -33.53 9.29
CA GLU A 45 -12.63 -34.32 9.62
C GLU A 45 -12.08 -33.86 10.98
N PRO A 46 -11.41 -34.75 11.75
CA PRO A 46 -10.73 -34.36 12.99
C PRO A 46 -9.66 -33.30 12.74
N VAL A 47 -9.68 -32.18 13.49
CA VAL A 47 -8.68 -31.10 13.40
C VAL A 47 -8.15 -30.86 14.82
N ASP A 48 -6.85 -30.74 14.92
CA ASP A 48 -6.18 -30.59 16.23
C ASP A 48 -6.28 -29.13 16.61
N PRO A 49 -6.80 -28.77 17.80
CA PRO A 49 -6.77 -27.38 18.26
C PRO A 49 -5.36 -26.90 18.63
N ASP A 50 -4.38 -27.82 18.78
CA ASP A 50 -2.93 -27.52 18.85
C ASP A 50 -2.40 -27.21 17.43
N LEU A 51 -2.47 -25.94 17.06
CA LEU A 51 -1.88 -25.30 15.86
C LEU A 51 -2.63 -25.56 14.56
N GLU A 52 -3.24 -26.74 14.33
CA GLU A 52 -3.83 -27.07 13.01
C GLU A 52 -5.05 -26.16 12.72
N ALA A 53 -5.99 -26.05 13.66
CA ALA A 53 -7.18 -25.16 13.47
C ALA A 53 -6.70 -23.74 13.21
N ALA A 54 -5.77 -23.20 14.01
CA ALA A 54 -5.31 -21.82 13.79
C ALA A 54 -4.55 -21.71 12.44
N ALA A 55 -3.82 -22.73 12.02
CA ALA A 55 -3.01 -22.67 10.78
C ALA A 55 -3.96 -22.55 9.59
N ILE A 56 -5.05 -23.31 9.59
CA ILE A 56 -6.08 -23.24 8.53
C ILE A 56 -6.70 -21.85 8.58
N THR A 57 -7.04 -21.38 9.78
CA THR A 57 -7.69 -20.06 9.97
C THR A 57 -6.75 -18.98 9.45
N ARG A 58 -5.48 -19.05 9.79
CA ARG A 58 -4.48 -18.06 9.37
C ARG A 58 -4.40 -18.02 7.84
N LEU A 59 -4.42 -19.16 7.18
CA LEU A 59 -4.31 -19.16 5.68
C LEU A 59 -5.62 -18.61 5.08
N VAL A 60 -6.76 -18.92 5.68
CA VAL A 60 -8.05 -18.27 5.29
C VAL A 60 -7.88 -16.75 5.32
N CYS A 61 -7.37 -16.20 6.43
CA CYS A 61 -7.24 -14.75 6.59
C CYS A 61 -6.27 -14.12 5.57
N GLU A 62 -5.18 -14.83 5.24
CA GLU A 62 -4.14 -14.33 4.30
C GLU A 62 -4.62 -14.45 2.84
N THR A 63 -5.68 -15.19 2.58
CA THR A 63 -6.20 -15.46 1.21
C THR A 63 -7.65 -15.00 1.06
N ASP A 64 -8.26 -14.42 2.10
CA ASP A 64 -9.66 -13.91 2.10
C ASP A 64 -10.63 -15.02 1.68
N ASP A 65 -10.45 -16.23 2.20
CA ASP A 65 -11.30 -17.39 1.85
C ASP A 65 -12.51 -17.49 2.81
N LYS A 66 -13.28 -18.56 2.66
CA LYS A 66 -14.48 -18.89 3.46
C LYS A 66 -14.09 -19.15 4.92
N ALA A 67 -14.94 -18.75 5.84
CA ALA A 67 -14.71 -18.98 7.29
C ALA A 67 -14.74 -20.48 7.53
N PRO A 68 -13.74 -21.02 8.27
CA PRO A 68 -13.74 -22.43 8.65
C PRO A 68 -14.54 -22.71 9.91
N LEU A 69 -15.47 -23.67 9.83
CA LEU A 69 -16.16 -24.22 11.00
C LEU A 69 -15.63 -25.63 11.27
N PHE A 70 -14.85 -25.77 12.34
CA PHE A 70 -14.28 -27.05 12.81
C PHE A 70 -15.38 -27.72 13.63
N ASN A 71 -16.05 -28.70 13.02
CA ASN A 71 -17.16 -29.46 13.66
C ASN A 71 -16.68 -30.68 14.45
N ASN A 72 -15.40 -31.03 14.31
CA ASN A 72 -14.78 -32.23 14.88
C ASN A 72 -13.40 -31.86 15.45
N VAL A 73 -13.40 -31.17 16.59
CA VAL A 73 -12.12 -30.75 17.23
C VAL A 73 -11.61 -31.89 18.10
N ILE A 74 -10.36 -32.29 17.89
CA ILE A 74 -9.72 -33.37 18.69
C ILE A 74 -9.69 -32.93 20.16
N GLY A 75 -10.24 -33.76 21.05
CA GLY A 75 -10.26 -33.49 22.49
C GLY A 75 -11.59 -32.93 22.93
N ALA A 76 -12.53 -32.67 22.02
CA ALA A 76 -13.86 -32.12 22.40
C ALA A 76 -14.57 -33.19 23.23
N LYS A 77 -15.23 -32.81 24.30
CA LYS A 77 -16.06 -33.75 25.11
C LYS A 77 -17.33 -33.03 25.55
N ASP A 78 -18.48 -33.70 25.48
CA ASP A 78 -19.76 -33.29 26.13
C ASP A 78 -20.27 -32.00 25.52
N GLY A 79 -19.93 -31.73 24.26
CA GLY A 79 -20.36 -30.54 23.52
C GLY A 79 -19.40 -29.36 23.67
N LEU A 80 -18.26 -29.49 24.37
CA LEU A 80 -17.21 -28.44 24.37
C LEU A 80 -15.97 -28.90 23.61
N TRP A 81 -15.66 -28.34 22.43
CA TRP A 81 -16.47 -27.43 21.64
C TRP A 81 -16.08 -27.62 20.16
N ARG A 82 -16.89 -27.06 19.27
CA ARG A 82 -16.53 -26.75 17.87
C ARG A 82 -15.80 -25.40 17.85
N ILE A 83 -15.13 -25.07 16.75
CA ILE A 83 -14.44 -23.76 16.62
C ILE A 83 -14.85 -23.10 15.31
N LEU A 84 -15.15 -21.80 15.34
CA LEU A 84 -15.31 -20.99 14.12
C LEU A 84 -14.13 -20.04 14.00
N GLY A 85 -13.35 -20.23 12.95
CA GLY A 85 -12.24 -19.33 12.63
C GLY A 85 -12.68 -18.16 11.79
N ALA A 86 -11.94 -17.05 11.89
CA ALA A 86 -12.04 -15.91 10.97
C ALA A 86 -13.48 -15.41 10.91
N PRO A 87 -14.12 -15.20 12.08
CA PRO A 87 -15.51 -14.75 12.12
C PRO A 87 -15.78 -13.39 11.46
N ALA A 88 -14.80 -12.51 11.29
CA ALA A 88 -15.00 -11.15 10.76
C ALA A 88 -13.88 -10.76 9.81
N SER A 89 -13.29 -11.73 9.16
CA SER A 89 -12.28 -11.50 8.12
C SER A 89 -12.95 -11.24 6.75
N LEU A 90 -12.15 -11.01 5.73
CA LEU A 90 -12.65 -10.45 4.43
C LEU A 90 -13.02 -11.60 3.47
N ARG A 91 -13.96 -11.31 2.56
CA ARG A 91 -14.29 -12.24 1.43
C ARG A 91 -13.45 -11.85 0.22
N SER A 92 -13.24 -12.78 -0.72
CA SER A 92 -12.36 -12.51 -1.90
C SER A 92 -13.11 -11.74 -2.99
N SER A 93 -14.44 -11.87 -3.08
CA SER A 93 -15.22 -11.17 -4.13
C SER A 93 -15.20 -9.68 -3.78
N PRO A 94 -14.69 -8.77 -4.63
CA PRO A 94 -14.59 -7.36 -4.25
C PRO A 94 -15.97 -6.72 -3.94
N LYS A 95 -17.06 -7.16 -4.58
CA LYS A 95 -18.41 -6.56 -4.35
C LYS A 95 -18.98 -6.98 -2.99
N GLU A 96 -18.47 -8.05 -2.37
CA GLU A 96 -18.94 -8.56 -1.05
C GLU A 96 -17.75 -8.65 -0.06
N ARG A 97 -16.72 -7.83 -0.23
CA ARG A 97 -15.44 -7.94 0.54
C ARG A 97 -15.77 -7.95 2.06
N PHE A 98 -16.67 -7.07 2.48
CA PHE A 98 -17.04 -6.81 3.89
C PHE A 98 -18.27 -7.60 4.32
N GLY A 99 -18.68 -8.61 3.55
CA GLY A 99 -19.93 -9.33 3.78
C GLY A 99 -19.99 -10.05 5.12
N ARG A 100 -18.87 -10.59 5.61
CA ARG A 100 -18.89 -11.28 6.92
C ARG A 100 -19.14 -10.24 8.03
N LEU A 101 -18.58 -9.05 7.95
CA LEU A 101 -18.82 -7.94 8.90
C LEU A 101 -20.25 -7.45 8.74
N ALA A 102 -20.76 -7.39 7.51
CA ALA A 102 -22.13 -6.89 7.26
C ALA A 102 -23.13 -7.83 7.94
N ARG A 103 -22.89 -9.15 7.93
CA ARG A 103 -23.78 -10.15 8.54
C ARG A 103 -23.74 -10.06 10.08
N HIS A 104 -22.80 -9.33 10.68
CA HIS A 104 -22.85 -9.01 12.14
C HIS A 104 -23.90 -7.96 12.43
N LEU A 105 -24.37 -7.21 11.41
CA LEU A 105 -25.04 -5.92 11.62
C LEU A 105 -26.33 -5.74 10.84
N ALA A 106 -26.93 -6.82 10.29
CA ALA A 106 -28.23 -6.73 9.56
C ALA A 106 -28.04 -5.85 8.31
N LEU A 107 -26.85 -5.86 7.71
CA LEU A 107 -26.54 -5.16 6.45
C LEU A 107 -26.39 -6.17 5.31
N PRO A 108 -26.58 -5.74 4.04
CA PRO A 108 -26.41 -6.66 2.92
C PRO A 108 -24.94 -7.04 2.79
N PRO A 109 -24.60 -8.19 2.23
CA PRO A 109 -23.19 -8.58 2.04
C PRO A 109 -22.41 -7.64 1.10
N THR A 110 -23.10 -6.79 0.34
CA THR A 110 -22.52 -5.75 -0.54
C THR A 110 -22.27 -4.44 0.20
N ALA A 111 -22.49 -4.41 1.52
CA ALA A 111 -22.28 -3.17 2.30
C ALA A 111 -20.86 -2.65 2.14
N SER A 112 -20.73 -1.35 1.98
CA SER A 112 -19.41 -0.66 1.97
C SER A 112 -18.85 -0.62 3.41
N ALA A 113 -17.56 -0.37 3.55
CA ALA A 113 -16.92 -0.12 4.86
C ALA A 113 -17.62 1.09 5.48
N LYS A 114 -17.94 2.11 4.68
CA LYS A 114 -18.66 3.30 5.18
C LYS A 114 -20.01 2.89 5.76
N ASP A 115 -20.76 2.00 5.12
CA ASP A 115 -22.09 1.57 5.63
C ASP A 115 -21.93 0.93 7.01
N ILE A 116 -20.90 0.10 7.14
CA ILE A 116 -20.67 -0.63 8.40
C ILE A 116 -20.35 0.37 9.51
N LEU A 117 -19.42 1.28 9.28
CA LEU A 117 -19.00 2.26 10.30
C LEU A 117 -20.18 3.17 10.62
N ASP A 118 -20.95 3.62 9.61
CA ASP A 118 -22.14 4.47 9.86
C ASP A 118 -23.13 3.73 10.78
N LYS A 119 -23.39 2.45 10.53
CA LYS A 119 -24.29 1.64 11.37
C LYS A 119 -23.76 1.56 12.82
N MET A 120 -22.47 1.29 13.00
CA MET A 120 -21.90 1.21 14.37
C MET A 120 -22.01 2.58 15.08
N LEU A 121 -21.90 3.70 14.36
CA LEU A 121 -22.00 5.05 14.96
C LEU A 121 -23.47 5.48 15.15
N SER A 122 -24.42 4.79 14.51
CA SER A 122 -25.85 5.22 14.49
C SER A 122 -26.38 5.34 15.92
N ALA A 123 -25.91 4.53 16.89
CA ALA A 123 -26.47 4.52 18.26
C ALA A 123 -25.97 5.74 19.05
N ASN A 124 -25.03 6.53 18.54
CA ASN A 124 -24.45 7.59 19.41
C ASN A 124 -25.41 8.79 19.44
N SER A 125 -26.40 8.86 18.56
CA SER A 125 -27.30 10.05 18.41
C SER A 125 -28.75 9.65 18.72
N ILE A 126 -28.97 8.47 19.30
CA ILE A 126 -30.36 8.01 19.61
C ILE A 126 -30.35 7.35 20.96
N PRO A 127 -31.52 7.31 21.64
CA PRO A 127 -31.54 6.80 23.00
C PRO A 127 -31.21 5.31 22.98
N PRO A 128 -30.49 4.82 24.01
CA PRO A 128 -30.22 3.40 24.11
C PRO A 128 -31.55 2.61 24.15
N ILE A 129 -31.57 1.40 23.61
CA ILE A 129 -32.68 0.43 23.88
C ILE A 129 -32.15 -0.56 24.92
N GLU A 130 -32.72 -0.48 26.12
CA GLU A 130 -32.19 -1.24 27.26
C GLU A 130 -32.44 -2.72 27.02
N PRO A 131 -31.55 -3.59 27.51
CA PRO A 131 -31.74 -5.02 27.39
C PRO A 131 -32.97 -5.48 28.18
N VAL A 132 -33.50 -6.63 27.81
CA VAL A 132 -34.64 -7.26 28.51
C VAL A 132 -34.14 -8.54 29.15
N ILE A 133 -34.66 -8.87 30.32
CA ILE A 133 -34.26 -10.07 31.07
C ILE A 133 -35.18 -11.23 30.73
N VAL A 134 -34.60 -12.37 30.46
CA VAL A 134 -35.33 -13.66 30.31
C VAL A 134 -34.85 -14.60 31.41
N PRO A 135 -35.73 -15.53 31.85
CA PRO A 135 -35.37 -16.44 32.94
C PRO A 135 -34.39 -17.56 32.55
N THR A 136 -34.29 -17.90 31.27
CA THR A 136 -33.38 -18.96 30.78
C THR A 136 -33.06 -18.68 29.32
N GLY A 137 -32.23 -19.50 28.73
CA GLY A 137 -31.91 -19.41 27.30
C GLY A 137 -31.06 -20.59 26.91
N PRO A 138 -30.69 -20.72 25.64
CA PRO A 138 -29.87 -21.83 25.19
C PRO A 138 -28.53 -21.99 25.92
N VAL A 139 -27.98 -20.89 26.41
CA VAL A 139 -26.66 -20.92 27.10
C VAL A 139 -26.76 -21.71 28.41
N LYS A 140 -27.96 -21.97 28.92
CA LYS A 140 -28.14 -22.72 30.18
C LYS A 140 -28.38 -24.21 29.92
N GLU A 141 -28.24 -24.69 28.69
CA GLU A 141 -28.53 -26.11 28.34
C GLU A 141 -27.57 -27.06 29.09
N ASN A 142 -26.35 -26.65 29.40
CA ASN A 142 -25.33 -27.53 29.98
C ASN A 142 -24.50 -26.70 30.96
N SER A 143 -23.92 -27.35 31.95
CA SER A 143 -23.05 -26.65 32.91
C SER A 143 -21.96 -27.57 33.45
N ILE A 144 -20.83 -26.98 33.83
CA ILE A 144 -19.71 -27.61 34.57
C ILE A 144 -19.42 -26.68 35.74
N GLU A 145 -19.35 -27.17 36.97
CA GLU A 145 -19.23 -26.25 38.12
C GLU A 145 -18.02 -26.59 39.00
N GLY A 146 -17.39 -25.54 39.54
CA GLY A 146 -16.34 -25.65 40.56
C GLY A 146 -15.28 -26.67 40.22
N GLU A 147 -15.09 -27.68 41.08
CA GLU A 147 -13.96 -28.64 41.03
C GLU A 147 -14.01 -29.49 39.76
N ASN A 148 -15.17 -29.54 39.10
CA ASN A 148 -15.34 -30.33 37.86
C ASN A 148 -14.69 -29.55 36.71
N ILE A 149 -14.41 -28.26 36.89
CA ILE A 149 -13.79 -27.44 35.78
C ILE A 149 -12.30 -27.80 35.70
N ASP A 150 -11.85 -28.17 34.51
CA ASP A 150 -10.39 -28.32 34.23
C ASP A 150 -10.08 -27.66 32.89
N LEU A 151 -9.67 -26.40 32.92
CA LEU A 151 -9.52 -25.63 31.65
C LEU A 151 -8.39 -26.24 30.82
N GLU A 152 -7.37 -26.84 31.45
CA GLU A 152 -6.22 -27.47 30.75
C GLU A 152 -6.67 -28.69 29.97
N ALA A 153 -7.82 -29.26 30.32
CA ALA A 153 -8.40 -30.43 29.63
C ALA A 153 -9.33 -30.01 28.48
N LEU A 154 -9.75 -28.75 28.38
CA LEU A 154 -10.63 -28.32 27.25
C LEU A 154 -9.78 -28.15 25.98
N PRO A 155 -10.38 -28.31 24.77
CA PRO A 155 -9.66 -28.04 23.51
C PRO A 155 -9.48 -26.55 23.17
N ALA A 156 -8.87 -25.79 24.09
CA ALA A 156 -8.43 -24.39 23.83
C ALA A 156 -7.36 -24.44 22.75
N PRO A 157 -7.48 -23.59 21.72
CA PRO A 157 -6.50 -23.58 20.62
C PRO A 157 -5.13 -23.03 21.02
N MET A 158 -4.07 -23.66 20.52
CA MET A 158 -2.76 -23.01 20.40
C MET A 158 -2.79 -22.20 19.09
N VAL A 159 -2.75 -20.87 19.17
CA VAL A 159 -3.07 -20.00 18.00
C VAL A 159 -1.81 -19.72 17.14
N HIS A 160 -0.65 -19.63 17.75
CA HIS A 160 0.65 -19.42 17.09
C HIS A 160 1.65 -20.29 17.86
N GLN A 161 2.62 -20.86 17.18
CA GLN A 161 3.54 -21.87 17.76
C GLN A 161 4.34 -21.28 18.94
N SER A 162 4.66 -19.99 18.93
CA SER A 162 5.49 -19.32 19.98
C SER A 162 4.65 -18.61 21.06
N ASP A 163 3.32 -18.80 21.09
CA ASP A 163 2.46 -18.18 22.13
C ASP A 163 2.80 -18.79 23.50
N GLY A 164 2.58 -18.04 24.58
CA GLY A 164 2.88 -18.51 25.95
C GLY A 164 1.85 -19.44 26.53
N GLY A 165 0.78 -19.73 25.80
CA GLY A 165 -0.25 -20.65 26.26
C GLY A 165 -1.37 -20.73 25.21
N LYS A 166 -2.46 -21.39 25.57
CA LYS A 166 -3.63 -21.63 24.70
C LYS A 166 -4.59 -20.48 24.91
N TYR A 167 -4.69 -19.65 23.89
CA TYR A 167 -5.57 -18.46 23.90
C TYR A 167 -6.99 -18.91 23.59
N ILE A 168 -7.69 -19.37 24.62
CA ILE A 168 -9.15 -19.65 24.62
C ILE A 168 -9.93 -18.40 24.18
N GLN A 169 -9.44 -17.25 24.60
CA GLN A 169 -10.15 -15.96 24.49
C GLN A 169 -9.52 -15.09 23.44
N THR A 170 -10.06 -15.12 22.23
CA THR A 170 -9.66 -14.22 21.11
C THR A 170 -10.91 -13.55 20.53
N TYR A 171 -12.14 -13.98 20.82
CA TYR A 171 -13.33 -13.37 20.15
C TYR A 171 -14.56 -13.43 21.07
N GLY A 172 -14.33 -13.60 22.37
CA GLY A 172 -15.37 -13.48 23.41
C GLY A 172 -15.43 -12.08 24.02
N MET A 173 -16.48 -11.83 24.78
CA MET A 173 -16.87 -10.55 25.39
C MET A 173 -16.71 -10.66 26.91
N HIS A 174 -15.79 -9.90 27.50
CA HIS A 174 -15.70 -9.72 28.97
C HIS A 174 -16.83 -8.82 29.43
N VAL A 175 -17.51 -9.26 30.49
CA VAL A 175 -18.63 -8.54 31.11
C VAL A 175 -18.13 -8.16 32.52
N ILE A 176 -18.15 -6.88 32.81
CA ILE A 176 -17.70 -6.43 34.15
C ILE A 176 -18.47 -5.17 34.47
N GLN A 177 -18.85 -5.03 35.74
CA GLN A 177 -19.73 -3.95 36.17
C GLN A 177 -18.99 -3.06 37.17
N SER A 178 -19.29 -1.77 37.14
CA SER A 178 -18.72 -0.78 38.08
C SER A 178 -19.26 -1.05 39.49
N PRO A 179 -18.52 -0.63 40.53
CA PRO A 179 -19.02 -0.70 41.91
C PRO A 179 -20.42 -0.17 42.23
N ASP A 180 -20.88 0.93 41.64
CA ASP A 180 -22.24 1.47 41.88
C ASP A 180 -23.31 0.66 41.14
N GLY A 181 -22.91 -0.28 40.26
CA GLY A 181 -23.80 -1.23 39.58
C GLY A 181 -24.44 -0.65 38.35
N CYS A 182 -24.08 0.57 37.94
CA CYS A 182 -24.84 1.30 36.89
C CYS A 182 -24.16 1.13 35.54
N TRP A 183 -22.86 0.89 35.51
CA TRP A 183 -22.11 0.78 34.23
C TRP A 183 -21.69 -0.66 34.07
N THR A 184 -22.22 -1.34 33.04
CA THR A 184 -21.75 -2.69 32.67
C THR A 184 -21.00 -2.57 31.34
N ASN A 185 -19.73 -2.88 31.36
CA ASN A 185 -18.85 -2.81 30.17
C ASN A 185 -18.76 -4.18 29.51
N TRP A 186 -18.87 -4.17 28.18
CA TRP A 186 -18.60 -5.33 27.29
C TRP A 186 -17.38 -4.99 26.44
N SER A 187 -16.34 -5.82 26.48
CA SER A 187 -15.14 -5.56 25.65
C SER A 187 -14.45 -6.86 25.28
N ILE A 188 -13.62 -6.80 24.24
CA ILE A 188 -12.72 -7.91 23.85
C ILE A 188 -11.33 -7.58 24.37
N ALA A 189 -10.74 -8.52 25.10
CA ALA A 189 -9.30 -8.50 25.45
C ALA A 189 -8.85 -9.96 25.48
N ARG A 190 -7.63 -10.25 25.02
CA ARG A 190 -7.12 -11.62 24.94
C ARG A 190 -6.95 -12.21 26.34
N ALA A 191 -7.10 -13.53 26.45
CA ALA A 191 -6.76 -14.28 27.67
C ALA A 191 -6.39 -15.69 27.27
N MET A 192 -5.46 -16.25 28.02
CA MET A 192 -4.97 -17.61 27.81
C MET A 192 -5.24 -18.43 29.06
N VAL A 193 -5.35 -19.73 28.86
CA VAL A 193 -5.46 -20.69 29.98
C VAL A 193 -4.13 -20.66 30.79
N SER A 194 -4.25 -20.44 32.09
CA SER A 194 -3.13 -20.25 33.05
C SER A 194 -3.01 -21.47 33.99
N GLY A 195 -4.05 -22.27 34.08
CA GLY A 195 -4.16 -23.30 35.13
C GLY A 195 -5.51 -23.97 35.09
N LYS A 196 -5.74 -24.92 36.01
CA LYS A 196 -6.98 -25.73 36.01
C LYS A 196 -8.21 -24.81 36.05
N ARG A 197 -8.16 -23.69 36.77
CA ARG A 197 -9.34 -22.83 37.03
C ARG A 197 -9.10 -21.36 36.65
N THR A 198 -7.97 -21.05 36.01
CA THR A 198 -7.55 -19.65 35.80
C THR A 198 -7.18 -19.38 34.34
N LEU A 199 -7.47 -18.14 33.93
CA LEU A 199 -6.92 -17.48 32.74
C LEU A 199 -6.02 -16.35 33.20
N ALA A 200 -5.16 -15.90 32.30
CA ALA A 200 -4.43 -14.64 32.43
C ALA A 200 -4.69 -13.85 31.15
N GLY A 201 -4.85 -12.56 31.25
CA GLY A 201 -5.15 -11.79 30.04
C GLY A 201 -4.89 -10.34 30.21
N LEU A 202 -4.78 -9.62 29.08
CA LEU A 202 -4.44 -8.18 29.08
C LEU A 202 -5.57 -7.37 29.66
N VAL A 203 -5.24 -6.54 30.65
CA VAL A 203 -6.16 -5.55 31.26
C VAL A 203 -5.40 -4.22 31.30
N ILE A 204 -5.37 -3.48 30.18
CA ILE A 204 -4.40 -2.37 30.03
C ILE A 204 -5.13 -1.04 30.03
N SER A 205 -4.48 0.00 30.54
CA SER A 205 -4.89 1.42 30.42
C SER A 205 -4.84 1.78 28.94
N PRO A 206 -5.73 2.59 28.37
CA PRO A 206 -6.88 3.20 29.01
C PRO A 206 -8.21 2.43 28.86
N GLN A 207 -8.15 1.14 28.70
CA GLN A 207 -9.34 0.31 28.33
C GLN A 207 -10.32 0.29 29.51
N HIS A 208 -11.61 0.17 29.21
CA HIS A 208 -12.67 0.23 30.23
C HIS A 208 -12.57 -0.94 31.23
N ILE A 209 -12.10 -2.11 30.84
CA ILE A 209 -11.99 -3.25 31.80
C ILE A 209 -10.94 -2.90 32.86
N ARG A 210 -9.91 -2.15 32.46
CA ARG A 210 -8.88 -1.64 33.40
C ARG A 210 -9.42 -0.49 34.25
N LYS A 211 -10.12 0.47 33.69
CA LYS A 211 -10.75 1.57 34.45
C LYS A 211 -11.65 0.99 35.54
N ILE A 212 -12.47 0.01 35.19
CA ILE A 212 -13.42 -0.61 36.16
C ILE A 212 -12.62 -1.45 37.18
N GLN A 213 -11.61 -2.20 36.77
CA GLN A 213 -10.72 -2.95 37.69
C GLN A 213 -10.14 -2.00 38.74
N ASP A 214 -9.67 -0.82 38.30
CA ASP A 214 -9.07 0.20 39.21
C ASP A 214 -10.13 0.83 40.15
N GLN A 215 -11.39 0.97 39.74
CA GLN A 215 -12.50 1.44 40.61
C GLN A 215 -12.69 0.48 41.78
N TRP A 216 -12.73 -0.82 41.47
CA TRP A 216 -12.84 -1.89 42.49
C TRP A 216 -11.62 -1.91 43.42
N ARG A 217 -10.42 -1.86 42.88
CA ARG A 217 -9.14 -1.86 43.66
C ARG A 217 -9.18 -0.70 44.67
N ALA A 218 -9.69 0.46 44.26
CA ALA A 218 -9.71 1.70 45.07
C ALA A 218 -10.68 1.56 46.26
N ILE A 219 -11.65 0.64 46.23
CA ILE A 219 -12.54 0.41 47.40
C ILE A 219 -12.16 -0.86 48.15
N GLY A 220 -11.09 -1.55 47.76
CA GLY A 220 -10.49 -2.67 48.49
C GLY A 220 -11.08 -4.03 48.10
N GLN A 221 -11.75 -4.14 46.95
CA GLN A 221 -12.26 -5.46 46.50
C GLN A 221 -11.09 -6.20 45.87
N GLU A 222 -10.84 -7.45 46.29
CA GLU A 222 -9.78 -8.32 45.75
C GLU A 222 -10.23 -9.10 44.50
N GLU A 223 -11.46 -9.62 44.48
CA GLU A 223 -11.97 -10.45 43.35
C GLU A 223 -13.25 -9.79 42.85
N ILE A 224 -13.26 -9.36 41.57
CA ILE A 224 -14.39 -8.57 41.01
C ILE A 224 -15.28 -9.57 40.29
N PRO A 225 -16.62 -9.56 40.49
CA PRO A 225 -17.47 -10.44 39.68
C PRO A 225 -17.24 -10.14 38.17
N TRP A 226 -17.14 -11.24 37.41
CA TRP A 226 -16.82 -11.23 35.98
C TRP A 226 -17.51 -12.38 35.24
N ALA A 227 -17.79 -12.15 33.96
CA ALA A 227 -18.17 -13.25 33.04
C ALA A 227 -17.48 -12.99 31.70
N LEU A 228 -17.24 -14.08 30.98
CA LEU A 228 -16.73 -14.03 29.61
C LEU A 228 -17.67 -14.85 28.74
N ALA A 229 -18.28 -14.22 27.74
CA ALA A 229 -19.31 -14.88 26.91
C ALA A 229 -18.76 -15.02 25.48
N PHE A 230 -18.71 -16.23 25.00
CA PHE A 230 -18.22 -16.60 23.67
C PHE A 230 -19.44 -16.84 22.75
N GLY A 231 -19.33 -16.46 21.48
CA GLY A 231 -20.43 -16.59 20.52
C GLY A 231 -21.64 -15.82 21.00
N VAL A 232 -21.42 -14.55 21.32
CA VAL A 232 -22.47 -13.55 21.64
C VAL A 232 -23.18 -13.10 20.36
N PRO A 233 -24.32 -12.42 20.50
CA PRO A 233 -24.98 -11.74 19.38
C PRO A 233 -23.94 -10.95 18.62
N PRO A 234 -23.83 -11.17 17.29
CA PRO A 234 -22.80 -10.50 16.49
C PRO A 234 -22.81 -8.97 16.63
N THR A 235 -23.97 -8.33 16.79
CA THR A 235 -23.97 -6.88 17.03
C THR A 235 -23.20 -6.58 18.33
N ALA A 236 -23.35 -7.44 19.34
CA ALA A 236 -22.69 -7.28 20.66
C ALA A 236 -21.18 -7.39 20.51
N ILE A 237 -20.65 -8.31 19.69
CA ILE A 237 -19.17 -8.46 19.59
C ILE A 237 -18.58 -7.25 18.86
N MET A 238 -19.31 -6.66 17.93
CA MET A 238 -18.87 -5.46 17.21
C MET A 238 -18.79 -4.30 18.19
N ALA A 239 -19.81 -4.09 19.03
CA ALA A 239 -19.79 -3.02 20.05
C ALA A 239 -18.69 -3.28 21.09
N SER A 240 -18.44 -4.55 21.42
CA SER A 240 -17.39 -5.00 22.36
C SER A 240 -16.03 -4.54 21.86
N SER A 241 -15.84 -4.46 20.53
CA SER A 241 -14.59 -4.07 19.90
C SER A 241 -14.51 -2.57 19.69
N MET A 242 -15.58 -1.83 19.98
CA MET A 242 -15.67 -0.40 19.60
C MET A 242 -15.48 0.47 20.85
N PRO A 243 -14.67 1.53 20.78
CA PRO A 243 -14.44 2.42 21.92
C PRO A 243 -15.55 3.46 22.01
N ILE A 244 -16.73 2.98 22.38
CA ILE A 244 -17.87 3.85 22.73
C ILE A 244 -17.50 4.58 24.02
N PRO A 245 -18.19 5.70 24.31
CA PRO A 245 -17.83 6.57 25.43
C PRO A 245 -17.77 5.88 26.80
N ASP A 246 -16.93 6.48 27.62
CA ASP A 246 -16.73 6.16 29.03
C ASP A 246 -18.10 6.11 29.76
N GLY A 247 -18.38 5.08 30.54
CA GLY A 247 -19.58 4.97 31.36
C GLY A 247 -20.83 4.62 30.60
N VAL A 248 -20.76 4.38 29.29
CA VAL A 248 -21.92 3.95 28.48
C VAL A 248 -21.92 2.43 28.46
N SER A 249 -22.99 1.81 28.94
CA SER A 249 -23.15 0.33 28.88
C SER A 249 -23.35 -0.08 27.41
N GLU A 250 -22.55 -1.02 26.93
CA GLU A 250 -22.61 -1.48 25.53
C GLU A 250 -24.00 -2.12 25.28
N ALA A 251 -24.61 -2.78 26.25
CA ALA A 251 -25.91 -3.48 26.04
C ALA A 251 -26.92 -2.53 25.39
N GLY A 252 -27.06 -1.32 25.91
CA GLY A 252 -28.09 -0.37 25.44
C GLY A 252 -27.73 0.18 24.09
N TYR A 253 -26.44 0.40 23.85
CA TYR A 253 -25.89 0.88 22.56
C TYR A 253 -26.15 -0.18 21.49
N VAL A 254 -25.89 -1.44 21.80
CA VAL A 254 -26.20 -2.60 20.91
C VAL A 254 -27.70 -2.63 20.59
N GLY A 255 -28.56 -2.51 21.61
CA GLY A 255 -30.02 -2.43 21.42
C GLY A 255 -30.36 -1.37 20.38
N ALA A 256 -29.81 -0.17 20.50
CA ALA A 256 -30.03 0.98 19.59
C ALA A 256 -29.56 0.63 18.17
N ILE A 257 -28.40 0.02 18.01
CA ILE A 257 -27.93 -0.44 16.66
C ILE A 257 -28.97 -1.38 16.07
N ALA A 258 -29.39 -2.41 16.83
CA ALA A 258 -30.28 -3.48 16.34
C ALA A 258 -31.73 -2.97 16.26
N GLY A 259 -32.08 -1.90 16.96
CA GLY A 259 -33.46 -1.38 16.99
C GLY A 259 -34.37 -2.29 17.80
N GLU A 260 -33.79 -3.13 18.67
CA GLU A 260 -34.58 -3.95 19.61
C GLU A 260 -33.67 -4.45 20.72
N PRO A 261 -34.24 -4.88 21.85
CA PRO A 261 -33.43 -5.23 23.01
C PRO A 261 -32.63 -6.52 22.84
N ILE A 262 -31.41 -6.56 23.39
CA ILE A 262 -30.66 -7.83 23.60
C ILE A 262 -31.35 -8.53 24.76
N LYS A 263 -31.63 -9.82 24.59
CA LYS A 263 -32.19 -10.65 25.66
C LYS A 263 -31.04 -11.21 26.51
N LEU A 264 -31.06 -10.85 27.81
CA LEU A 264 -30.03 -11.25 28.79
C LEU A 264 -30.61 -12.21 29.83
N VAL A 265 -29.76 -13.13 30.26
CA VAL A 265 -30.05 -14.06 31.38
C VAL A 265 -29.01 -13.81 32.48
N LYS A 266 -29.43 -13.94 33.75
CA LYS A 266 -28.50 -13.76 34.89
C LYS A 266 -27.57 -14.98 34.92
N CYS A 267 -26.31 -14.75 35.26
CA CYS A 267 -25.33 -15.81 35.60
C CYS A 267 -25.87 -16.61 36.79
N ASP A 268 -25.48 -17.86 36.92
CA ASP A 268 -25.93 -18.70 38.07
C ASP A 268 -25.20 -18.24 39.32
N THR A 269 -23.90 -17.95 39.24
CA THR A 269 -23.03 -17.81 40.44
C THR A 269 -22.76 -16.35 40.78
N ASN A 270 -23.26 -15.38 40.01
CA ASN A 270 -23.09 -13.95 40.34
C ASN A 270 -24.27 -13.15 39.80
N ASN A 271 -24.21 -11.83 39.92
CA ASN A 271 -25.36 -10.92 39.66
C ASN A 271 -25.14 -10.27 38.28
N LEU A 272 -24.25 -10.82 37.44
CA LEU A 272 -24.01 -10.24 36.10
C LEU A 272 -24.99 -10.92 35.12
N TYR A 273 -25.17 -10.29 33.98
CA TYR A 273 -26.12 -10.72 32.93
C TYR A 273 -25.34 -10.98 31.65
N VAL A 274 -25.71 -12.04 30.94
CA VAL A 274 -25.03 -12.41 29.67
C VAL A 274 -26.10 -12.68 28.62
N PRO A 275 -25.77 -12.53 27.34
CA PRO A 275 -26.74 -12.84 26.29
C PRO A 275 -27.25 -14.27 26.44
N ALA A 276 -28.58 -14.41 26.41
CA ALA A 276 -29.26 -15.68 26.72
C ALA A 276 -28.92 -16.74 25.68
N ASN A 277 -28.57 -16.37 24.45
CA ASN A 277 -28.21 -17.34 23.39
C ASN A 277 -26.70 -17.37 23.14
N SER A 278 -25.85 -16.95 24.11
CA SER A 278 -24.38 -17.14 24.01
C SER A 278 -24.09 -18.62 23.81
N GLU A 279 -22.99 -18.94 23.13
CA GLU A 279 -22.54 -20.33 22.94
C GLU A 279 -22.02 -20.88 24.27
N ILE A 280 -21.16 -20.11 24.92
CA ILE A 280 -20.35 -20.58 26.09
C ILE A 280 -20.17 -19.39 27.02
N VAL A 281 -20.45 -19.57 28.29
CA VAL A 281 -20.14 -18.48 29.28
C VAL A 281 -19.26 -19.03 30.40
N LEU A 282 -18.22 -18.29 30.72
CA LEU A 282 -17.38 -18.53 31.92
C LEU A 282 -17.81 -17.52 32.97
N GLU A 283 -18.12 -17.98 34.20
CA GLU A 283 -18.49 -17.06 35.31
C GLU A 283 -17.40 -17.18 36.36
N GLY A 284 -16.99 -16.06 36.95
CA GLY A 284 -15.99 -16.08 38.02
C GLY A 284 -15.62 -14.70 38.46
N THR A 285 -14.32 -14.50 38.66
CA THR A 285 -13.78 -13.20 39.14
C THR A 285 -12.51 -12.80 38.38
N LEU A 286 -12.30 -11.49 38.33
CA LEU A 286 -11.05 -10.85 37.91
C LEU A 286 -10.38 -10.34 39.19
N SER A 287 -9.14 -10.69 39.40
CA SER A 287 -8.39 -10.25 40.60
C SER A 287 -7.94 -8.80 40.47
N THR A 288 -7.89 -8.06 41.58
CA THR A 288 -7.22 -6.74 41.62
C THR A 288 -5.79 -6.88 42.17
N THR A 289 -5.39 -8.00 42.72
CA THR A 289 -4.03 -8.10 43.33
C THR A 289 -3.17 -9.11 42.58
N LYS A 290 -3.73 -10.26 42.20
CA LYS A 290 -2.93 -11.40 41.74
C LYS A 290 -2.68 -11.27 40.24
N MET A 291 -1.44 -11.48 39.85
CA MET A 291 -1.01 -11.55 38.44
C MET A 291 -0.39 -12.92 38.16
N ALA A 292 -0.32 -13.29 36.88
CA ALA A 292 0.32 -14.51 36.40
C ALA A 292 0.97 -14.22 35.06
N PRO A 293 1.97 -15.00 34.64
CA PRO A 293 2.62 -14.76 33.36
C PRO A 293 1.60 -14.88 32.22
N GLU A 294 1.62 -13.91 31.35
CA GLU A 294 0.69 -13.88 30.17
C GLU A 294 1.52 -13.58 28.92
N GLY A 295 1.10 -14.16 27.81
CA GLY A 295 1.85 -14.02 26.57
C GLY A 295 3.09 -14.92 26.57
N PRO A 296 3.92 -14.81 25.51
CA PRO A 296 3.67 -13.87 24.42
C PRO A 296 2.51 -14.30 23.52
N PHE A 297 2.13 -13.44 22.58
CA PHE A 297 0.94 -13.69 21.72
C PHE A 297 1.18 -13.05 20.37
N GLY A 298 0.83 -13.74 19.30
CA GLY A 298 0.87 -13.22 17.93
C GLY A 298 -0.21 -12.17 17.78
N GLU A 299 0.16 -10.90 17.83
CA GLU A 299 -0.80 -9.82 18.16
C GLU A 299 -1.14 -9.02 16.90
N MET A 300 -1.96 -7.98 17.06
CA MET A 300 -2.65 -7.27 15.93
C MET A 300 -1.65 -6.68 14.91
N HIS A 301 -0.40 -6.43 15.29
CA HIS A 301 0.61 -5.80 14.39
C HIS A 301 1.40 -6.85 13.61
N GLY A 302 1.24 -8.12 13.89
CA GLY A 302 1.83 -9.23 13.11
C GLY A 302 3.08 -9.81 13.76
N TYR A 303 3.24 -9.65 15.06
CA TYR A 303 4.50 -10.00 15.78
C TYR A 303 4.21 -10.89 16.97
N VAL A 304 5.00 -11.95 17.14
CA VAL A 304 5.12 -12.63 18.45
C VAL A 304 6.59 -12.55 18.86
N TYR A 305 6.85 -12.31 20.14
CA TYR A 305 8.23 -12.34 20.71
C TYR A 305 8.41 -13.61 21.55
N PRO A 306 8.96 -14.70 20.97
CA PRO A 306 9.08 -15.97 21.68
C PRO A 306 9.79 -15.79 23.04
N GLY A 307 9.18 -16.39 24.07
CA GLY A 307 9.68 -16.39 25.45
C GLY A 307 9.36 -15.13 26.21
N GLU A 308 8.68 -14.12 25.63
CA GLU A 308 8.55 -12.81 26.29
C GLU A 308 7.17 -12.69 26.93
N SER A 309 7.00 -13.31 28.08
CA SER A 309 5.78 -13.23 28.91
C SER A 309 5.85 -11.94 29.73
N HIS A 310 4.71 -11.42 30.19
CA HIS A 310 4.62 -10.28 31.12
C HIS A 310 3.49 -10.56 32.09
N PRO A 311 3.58 -10.06 33.34
CA PRO A 311 2.49 -10.26 34.28
C PRO A 311 1.19 -9.61 33.82
N ALA A 312 0.09 -10.35 33.99
CA ALA A 312 -1.27 -9.86 33.74
C ALA A 312 -2.21 -10.37 34.82
N PRO A 313 -3.35 -9.67 35.05
CA PRO A 313 -4.36 -10.14 35.99
C PRO A 313 -4.86 -11.56 35.74
N VAL A 314 -5.20 -12.20 36.85
CA VAL A 314 -5.76 -13.57 36.92
C VAL A 314 -7.28 -13.48 36.94
N TYR A 315 -7.90 -14.21 36.02
CA TYR A 315 -9.33 -14.53 36.04
C TYR A 315 -9.51 -15.95 36.60
N THR A 316 -10.43 -16.11 37.55
CA THR A 316 -10.81 -17.40 38.12
C THR A 316 -12.17 -17.80 37.55
N VAL A 317 -12.27 -19.01 37.03
CA VAL A 317 -13.56 -19.56 36.52
C VAL A 317 -14.19 -20.50 37.55
N ASN A 318 -15.42 -20.19 37.96
CA ASN A 318 -16.21 -20.94 38.97
C ASN A 318 -17.36 -21.72 38.33
N LYS A 319 -17.81 -21.35 37.13
CA LYS A 319 -18.88 -22.11 36.44
C LYS A 319 -18.72 -21.88 34.93
N ILE A 320 -19.06 -22.90 34.14
CA ILE A 320 -19.15 -22.85 32.65
C ILE A 320 -20.57 -23.26 32.28
N THR A 321 -21.30 -22.44 31.54
CA THR A 321 -22.62 -22.86 31.00
C THR A 321 -22.50 -22.76 29.50
N TYR A 322 -23.17 -23.63 28.77
CA TYR A 322 -23.00 -23.68 27.32
C TYR A 322 -24.17 -24.34 26.64
N ARG A 323 -24.35 -23.94 25.40
CA ARG A 323 -25.35 -24.50 24.46
C ARG A 323 -24.95 -25.91 24.08
N ASN A 324 -25.96 -26.74 23.78
CA ASN A 324 -25.73 -27.97 23.01
C ASN A 324 -24.94 -27.63 21.74
N ASN A 325 -23.93 -28.43 21.42
CA ASN A 325 -23.10 -28.30 20.18
C ASN A 325 -22.43 -26.92 20.12
N ALA A 326 -21.99 -26.41 21.26
CA ALA A 326 -21.33 -25.10 21.44
C ALA A 326 -20.18 -24.91 20.45
N ILE A 327 -20.11 -23.68 19.94
CA ILE A 327 -19.04 -23.18 19.07
C ILE A 327 -18.24 -22.08 19.78
N LEU A 328 -16.92 -22.27 19.90
CA LEU A 328 -15.94 -21.23 20.31
C LEU A 328 -15.47 -20.48 19.08
N PRO A 329 -15.71 -19.16 18.95
CA PRO A 329 -15.10 -18.39 17.90
C PRO A 329 -13.62 -18.11 18.18
N MET A 330 -12.81 -18.03 17.15
CA MET A 330 -11.36 -17.85 17.28
C MET A 330 -10.86 -16.89 16.21
N SER A 331 -10.06 -15.91 16.65
CA SER A 331 -9.35 -14.98 15.75
C SER A 331 -7.88 -15.39 15.74
N ALA A 332 -7.42 -15.93 14.63
CA ALA A 332 -5.99 -16.20 14.43
C ALA A 332 -5.33 -14.93 13.92
N CYS A 333 -5.09 -13.97 14.82
CA CYS A 333 -4.68 -12.64 14.35
C CYS A 333 -3.18 -12.62 14.04
N GLY A 334 -2.77 -11.59 13.33
CA GLY A 334 -1.37 -11.36 12.96
C GLY A 334 -1.27 -10.50 11.72
N ARG A 335 -0.56 -10.98 10.70
CA ARG A 335 -0.44 -10.22 9.42
C ARG A 335 -1.79 -10.24 8.72
N LEU A 336 -1.97 -9.31 7.80
CA LEU A 336 -3.26 -9.07 7.08
C LEU A 336 -3.87 -10.36 6.54
N THR A 337 -5.21 -10.55 6.64
CA THR A 337 -6.19 -9.60 7.18
C THR A 337 -7.09 -10.39 8.12
N ASP A 338 -7.17 -9.97 9.37
CA ASP A 338 -8.04 -10.63 10.35
C ASP A 338 -8.85 -9.56 11.12
N GLU A 339 -9.52 -10.01 12.17
CA GLU A 339 -10.46 -9.24 13.01
C GLU A 339 -9.76 -8.06 13.63
N THR A 340 -8.47 -8.19 13.94
CA THR A 340 -7.80 -7.07 14.63
C THR A 340 -7.63 -5.92 13.63
N GLN A 341 -7.64 -6.17 12.32
CA GLN A 341 -7.57 -5.01 11.39
C GLN A 341 -8.97 -4.66 10.86
N THR A 342 -9.84 -5.64 10.68
CA THR A 342 -11.21 -5.35 10.15
C THR A 342 -12.09 -4.68 11.21
N MET A 343 -11.83 -4.90 12.50
CA MET A 343 -12.63 -4.37 13.63
C MET A 343 -11.88 -3.34 14.47
N ILE A 344 -10.65 -3.61 14.93
CA ILE A 344 -10.01 -2.67 15.90
C ILE A 344 -9.76 -1.34 15.21
N GLY A 345 -8.98 -1.35 14.14
CA GLY A 345 -8.61 -0.11 13.46
C GLY A 345 -9.85 0.60 12.92
N THR A 346 -10.75 -0.12 12.26
CA THR A 346 -11.90 0.51 11.55
C THR A 346 -12.86 1.13 12.60
N LEU A 347 -13.12 0.46 13.72
CA LEU A 347 -14.06 0.99 14.73
C LEU A 347 -13.40 2.15 15.47
N ALA A 348 -12.08 2.14 15.70
CA ALA A 348 -11.39 3.35 16.22
C ALA A 348 -11.57 4.50 15.22
N ALA A 349 -11.39 4.24 13.93
CA ALA A 349 -11.49 5.29 12.90
C ALA A 349 -12.89 5.91 12.96
N ALA A 350 -13.91 5.08 13.14
CA ALA A 350 -15.31 5.53 13.27
C ALA A 350 -15.45 6.50 14.44
N GLU A 351 -14.91 6.14 15.61
CA GLU A 351 -14.99 6.98 16.82
C GLU A 351 -14.13 8.22 16.65
N ILE A 352 -13.05 8.12 15.91
CA ILE A 352 -12.18 9.30 15.67
C ILE A 352 -12.89 10.29 14.76
N ARG A 353 -13.64 9.78 13.78
CA ARG A 353 -14.43 10.64 12.88
C ARG A 353 -15.41 11.49 13.73
N GLN A 354 -16.13 10.81 14.61
CA GLN A 354 -17.18 11.42 15.47
C GLN A 354 -16.54 12.43 16.42
N LEU A 355 -15.38 12.10 16.97
CA LEU A 355 -14.64 13.02 17.87
C LEU A 355 -14.24 14.27 17.10
N CYS A 356 -13.72 14.13 15.89
CA CYS A 356 -13.30 15.27 15.05
C CYS A 356 -14.51 16.16 14.79
N GLN A 357 -15.64 15.59 14.44
CA GLN A 357 -16.85 16.39 14.08
C GLN A 357 -17.36 17.12 15.35
N ARG A 358 -17.30 16.46 16.50
CA ARG A 358 -17.71 17.08 17.81
C ARG A 358 -16.77 18.24 18.21
N ALA A 359 -15.49 18.20 17.82
CA ALA A 359 -14.49 19.27 18.05
C ALA A 359 -14.69 20.41 17.05
N GLY A 360 -15.61 20.25 16.09
CA GLY A 360 -15.83 21.27 15.04
C GLY A 360 -14.86 21.20 13.87
N LEU A 361 -14.13 20.11 13.69
CA LEU A 361 -13.23 19.99 12.53
C LEU A 361 -14.02 19.49 11.32
N PRO A 362 -13.66 19.94 10.10
CA PRO A 362 -14.40 19.59 8.89
C PRO A 362 -14.05 18.20 8.36
N ILE A 363 -14.30 17.17 9.16
CA ILE A 363 -13.96 15.78 8.76
C ILE A 363 -15.24 15.07 8.39
N THR A 364 -15.31 14.50 7.19
CA THR A 364 -16.53 13.80 6.73
C THR A 364 -16.44 12.28 6.93
N ASP A 365 -15.24 11.73 6.86
CA ASP A 365 -15.11 10.25 6.79
C ASP A 365 -13.77 9.89 7.44
N ALA A 366 -13.64 8.69 7.93
CA ALA A 366 -12.33 8.24 8.43
C ALA A 366 -12.25 6.74 8.22
N PHE A 367 -11.06 6.25 7.91
CA PHE A 367 -10.85 4.79 7.83
C PHE A 367 -9.43 4.46 8.27
N ALA A 368 -9.21 3.21 8.60
CA ALA A 368 -7.90 2.67 9.01
C ALA A 368 -7.40 1.78 7.88
N PRO A 369 -6.60 2.35 6.99
CA PRO A 369 -6.10 1.59 5.82
C PRO A 369 -5.40 0.32 6.29
N PHE A 370 -5.66 -0.77 5.61
CA PHE A 370 -5.13 -2.10 6.00
C PHE A 370 -3.60 -2.02 5.95
N VAL A 371 -2.99 -1.29 4.99
CA VAL A 371 -1.50 -1.17 4.87
C VAL A 371 -0.88 -0.55 6.14
N GLY A 372 -1.62 0.23 6.95
CA GLY A 372 -1.08 0.79 8.22
C GLY A 372 -1.10 -0.18 9.38
N GLN A 373 -1.61 -1.41 9.19
CA GLN A 373 -1.62 -2.47 10.22
C GLN A 373 -2.31 -1.94 11.47
N ALA A 374 -3.47 -1.29 11.29
CA ALA A 374 -4.32 -0.72 12.36
C ALA A 374 -3.56 0.31 13.20
N THR A 375 -2.58 1.03 12.64
CA THR A 375 -1.85 2.14 13.32
C THR A 375 -2.12 3.46 12.63
N TRP A 376 -2.75 3.43 11.44
CA TRP A 376 -3.00 4.65 10.63
C TRP A 376 -4.49 4.90 10.54
N VAL A 377 -4.86 6.16 10.56
CA VAL A 377 -6.22 6.55 10.21
C VAL A 377 -6.11 7.69 9.22
N ALA A 378 -6.81 7.56 8.11
CA ALA A 378 -6.95 8.61 7.11
C ALA A 378 -8.27 9.35 7.39
N LEU A 379 -8.19 10.67 7.37
CA LEU A 379 -9.32 11.59 7.67
C LEU A 379 -9.60 12.40 6.42
N LYS A 380 -10.82 12.27 5.91
CA LYS A 380 -11.25 12.95 4.68
C LYS A 380 -11.81 14.30 5.08
N VAL A 381 -11.28 15.36 4.52
CA VAL A 381 -11.63 16.76 4.87
C VAL A 381 -12.68 17.32 3.89
N ASP A 382 -13.68 18.04 4.41
CA ASP A 382 -14.64 18.82 3.61
C ASP A 382 -13.91 20.12 3.25
N THR A 383 -13.36 20.20 2.06
CA THR A 383 -12.42 21.32 1.76
C THR A 383 -13.18 22.63 1.58
N HIS A 384 -14.46 22.57 1.19
CA HIS A 384 -15.30 23.79 1.11
C HIS A 384 -15.40 24.39 2.51
N ARG A 385 -15.65 23.55 3.51
CA ARG A 385 -15.74 24.02 4.92
C ARG A 385 -14.36 24.43 5.42
N LEU A 386 -13.30 23.73 5.05
CA LEU A 386 -11.91 24.08 5.45
C LEU A 386 -11.55 25.49 4.98
N ARG A 387 -11.88 25.81 3.73
CA ARG A 387 -11.54 27.15 3.18
C ARG A 387 -12.32 28.22 3.94
N ALA A 388 -13.55 27.96 4.37
CA ALA A 388 -14.36 28.91 5.18
C ALA A 388 -13.70 29.14 6.55
N MET A 389 -12.89 28.21 7.05
CA MET A 389 -12.11 28.42 8.31
C MET A 389 -10.90 29.32 8.16
N LYS A 390 -10.43 29.60 6.94
CA LYS A 390 -9.19 30.36 6.67
C LYS A 390 -8.11 29.91 7.67
N THR A 391 -7.56 28.71 7.47
CA THR A 391 -6.47 28.17 8.29
C THR A 391 -5.34 27.74 7.34
N ASN A 392 -4.39 26.93 7.80
CA ASN A 392 -3.23 26.45 7.00
C ASN A 392 -2.90 25.08 7.56
N GLY A 393 -2.16 24.27 6.81
CA GLY A 393 -1.91 22.86 7.13
C GLY A 393 -1.17 22.75 8.44
N LYS A 394 -0.20 23.62 8.69
CA LYS A 394 0.61 23.53 9.94
C LYS A 394 -0.28 23.66 11.19
N ALA A 395 -1.14 24.68 11.23
CA ALA A 395 -2.06 24.96 12.35
C ALA A 395 -3.10 23.84 12.42
N PHE A 396 -3.64 23.41 11.28
CA PHE A 396 -4.74 22.42 11.25
C PHE A 396 -4.22 21.04 11.66
N ALA A 397 -3.04 20.64 11.23
CA ALA A 397 -2.47 19.32 11.61
C ALA A 397 -2.28 19.28 13.13
N LYS A 398 -1.73 20.33 13.70
CA LYS A 398 -1.54 20.42 15.17
C LYS A 398 -2.89 20.29 15.88
N ARG A 399 -3.93 21.01 15.42
CA ARG A 399 -5.26 20.99 16.09
C ARG A 399 -5.83 19.56 16.05
N VAL A 400 -5.76 18.89 14.91
CA VAL A 400 -6.30 17.52 14.76
C VAL A 400 -5.60 16.59 15.76
N GLY A 401 -4.27 16.62 15.79
CA GLY A 401 -3.51 15.76 16.69
C GLY A 401 -3.86 16.09 18.15
N ASP A 402 -4.00 17.37 18.48
CA ASP A 402 -4.39 17.75 19.87
C ASP A 402 -5.76 17.19 20.24
N VAL A 403 -6.71 17.22 19.30
CA VAL A 403 -8.07 16.71 19.55
C VAL A 403 -8.00 15.19 19.71
N VAL A 404 -7.34 14.49 18.78
CA VAL A 404 -7.43 13.02 18.72
C VAL A 404 -6.48 12.33 19.67
N PHE A 405 -5.23 12.78 19.78
CA PHE A 405 -4.18 12.02 20.50
C PHE A 405 -4.30 12.20 22.03
N THR A 406 -5.21 13.04 22.50
CA THR A 406 -5.44 13.27 23.97
C THR A 406 -6.72 12.55 24.38
N GLN A 407 -7.25 11.66 23.55
CA GLN A 407 -8.52 10.95 23.84
C GLN A 407 -8.27 9.45 23.72
N LYS A 408 -8.99 8.67 24.51
CA LYS A 408 -8.91 7.21 24.46
C LYS A 408 -9.11 6.70 23.02
N VAL A 409 -10.05 7.25 22.25
CA VAL A 409 -10.34 6.68 20.89
C VAL A 409 -9.09 6.78 20.00
N GLY A 410 -8.15 7.69 20.28
CA GLY A 410 -6.94 7.88 19.46
C GLY A 410 -5.76 7.07 19.96
N TYR A 411 -5.91 6.29 21.04
CA TYR A 411 -4.77 5.70 21.76
C TYR A 411 -3.95 4.73 20.86
N MET A 412 -4.63 3.85 20.13
CA MET A 412 -3.91 2.80 19.34
C MET A 412 -3.40 3.39 18.02
N ILE A 413 -3.80 4.60 17.65
CA ILE A 413 -3.48 5.16 16.31
C ILE A 413 -2.25 6.08 16.44
N HIS A 414 -1.19 5.83 15.65
CA HIS A 414 0.06 6.63 15.70
C HIS A 414 0.20 7.58 14.51
N ARG A 415 -0.49 7.35 13.41
CA ARG A 415 -0.37 8.27 12.27
C ARG A 415 -1.77 8.62 11.79
N LEU A 416 -2.07 9.91 11.77
CA LEU A 416 -3.28 10.48 11.14
C LEU A 416 -2.86 11.10 9.82
N ILE A 417 -3.55 10.76 8.75
CA ILE A 417 -3.28 11.33 7.40
C ILE A 417 -4.48 12.15 6.98
N LEU A 418 -4.30 13.43 6.79
CA LEU A 418 -5.38 14.36 6.38
C LEU A 418 -5.35 14.42 4.85
N VAL A 419 -6.49 14.16 4.24
CA VAL A 419 -6.60 14.14 2.74
C VAL A 419 -7.84 14.92 2.34
N GLY A 420 -7.81 15.48 1.13
CA GLY A 420 -8.91 16.28 0.62
C GLY A 420 -10.03 15.40 0.10
N ASP A 421 -11.11 16.02 -0.33
CA ASP A 421 -12.34 15.25 -0.62
C ASP A 421 -12.30 14.70 -2.07
N ASP A 422 -11.17 14.71 -2.78
CA ASP A 422 -11.04 13.89 -4.02
C ASP A 422 -10.48 12.49 -3.68
N ILE A 423 -10.07 12.22 -2.44
CA ILE A 423 -9.45 10.91 -2.05
C ILE A 423 -10.53 10.04 -1.41
N ASP A 424 -10.64 8.80 -1.85
CA ASP A 424 -11.51 7.79 -1.20
C ASP A 424 -10.74 7.23 -0.02
N VAL A 425 -11.05 7.61 1.24
CA VAL A 425 -10.23 7.13 2.41
C VAL A 425 -10.47 5.65 2.64
N TYR A 426 -11.51 5.07 2.05
CA TYR A 426 -11.80 3.61 2.16
C TYR A 426 -10.90 2.80 1.20
N ASP A 427 -10.09 3.45 0.38
CA ASP A 427 -9.26 2.81 -0.68
C ASP A 427 -7.80 3.06 -0.32
N ASP A 428 -7.10 2.03 0.10
CA ASP A 428 -5.71 2.15 0.60
C ASP A 428 -4.85 2.82 -0.50
N LYS A 429 -5.08 2.45 -1.77
CA LYS A 429 -4.26 3.00 -2.89
C LYS A 429 -4.43 4.51 -2.98
N ASP A 430 -5.64 5.05 -2.82
CA ASP A 430 -5.83 6.51 -2.94
C ASP A 430 -5.17 7.19 -1.76
N VAL A 431 -5.33 6.61 -0.58
CA VAL A 431 -4.68 7.20 0.62
C VAL A 431 -3.16 7.25 0.41
N MET A 432 -2.52 6.17 -0.05
CA MET A 432 -1.06 6.12 -0.23
C MET A 432 -0.64 7.12 -1.31
N TRP A 433 -1.44 7.25 -2.37
CA TRP A 433 -1.12 8.22 -3.43
C TRP A 433 -1.11 9.61 -2.84
N ALA A 434 -2.14 9.99 -2.07
CA ALA A 434 -2.20 11.34 -1.48
C ALA A 434 -0.99 11.54 -0.53
N PHE A 435 -0.73 10.55 0.33
CA PHE A 435 0.35 10.64 1.33
C PHE A 435 1.69 10.83 0.62
N ALA A 436 1.98 10.01 -0.41
CA ALA A 436 3.26 10.02 -1.16
C ALA A 436 3.46 11.33 -1.93
N THR A 437 2.39 11.98 -2.43
CA THR A 437 2.53 13.12 -3.38
C THR A 437 2.07 14.45 -2.76
N ARG A 438 1.37 14.45 -1.63
CA ARG A 438 0.81 15.70 -1.09
C ARG A 438 1.36 16.07 0.29
N CYS A 439 2.05 15.15 0.96
CA CYS A 439 2.64 15.41 2.30
C CYS A 439 4.18 15.48 2.22
N ARG A 440 4.70 16.70 2.23
CA ARG A 440 6.17 16.93 2.26
C ARG A 440 6.73 16.37 3.56
N PRO A 441 7.58 15.33 3.47
CA PRO A 441 8.11 14.70 4.68
C PRO A 441 8.76 15.74 5.58
N GLY A 442 8.41 15.70 6.86
CA GLY A 442 8.93 16.66 7.85
C GLY A 442 8.13 17.92 7.84
N THR A 443 8.32 18.73 6.80
CA THR A 443 7.72 20.05 6.66
C THR A 443 6.20 20.00 6.95
N ASP A 444 5.50 18.99 6.42
CA ASP A 444 4.03 18.94 6.45
C ASP A 444 3.55 17.99 7.54
N GLU A 445 4.41 17.66 8.50
CA GLU A 445 4.03 16.72 9.58
C GLU A 445 4.16 17.48 10.89
N VAL A 446 3.29 17.14 11.83
CA VAL A 446 3.41 17.62 13.23
C VAL A 446 3.59 16.37 14.08
N PHE A 447 4.65 16.34 14.89
CA PHE A 447 5.04 15.14 15.65
C PHE A 447 4.60 15.37 17.10
N PHE A 448 4.18 14.31 17.78
CA PHE A 448 3.60 14.39 19.15
C PHE A 448 4.41 13.50 20.09
N ASP A 449 5.29 14.13 20.89
CA ASP A 449 6.21 13.41 21.81
C ASP A 449 5.59 13.18 23.18
N ASP A 450 4.51 13.88 23.56
CA ASP A 450 4.05 13.94 24.98
C ASP A 450 2.76 13.15 25.18
N VAL A 451 2.15 12.61 24.13
CA VAL A 451 0.85 11.92 24.27
C VAL A 451 1.05 10.45 24.60
N PRO A 452 0.02 9.75 25.09
CA PRO A 452 0.13 8.32 25.30
C PRO A 452 0.40 7.60 23.98
N GLY A 453 1.33 6.65 24.02
CA GLY A 453 1.72 5.81 22.87
C GLY A 453 1.39 4.36 23.16
N PHE A 454 1.02 3.63 22.14
CA PHE A 454 0.55 2.25 22.23
C PHE A 454 1.75 1.31 22.23
N TRP A 455 2.11 0.80 23.42
CA TRP A 455 3.38 0.08 23.64
C TRP A 455 3.41 -1.20 22.81
N LEU A 456 2.28 -1.81 22.50
CA LEU A 456 2.24 -3.11 21.78
C LEU A 456 2.89 -2.98 20.38
N ILE A 457 2.90 -1.80 19.79
CA ILE A 457 3.57 -1.61 18.46
C ILE A 457 5.07 -1.84 18.65
N PRO A 458 5.72 -2.69 17.85
CA PRO A 458 7.14 -3.02 18.08
C PRO A 458 8.06 -1.82 18.12
N TYR A 459 7.83 -0.74 17.36
CA TYR A 459 8.74 0.43 17.39
C TYR A 459 8.56 1.25 18.69
N MET A 460 7.59 0.87 19.51
CA MET A 460 7.33 1.46 20.84
C MET A 460 8.05 0.58 21.85
N SER A 461 7.53 -0.61 22.15
CA SER A 461 8.04 -1.51 23.23
C SER A 461 9.44 -1.99 22.89
N HIS A 462 9.75 -2.17 21.62
CA HIS A 462 11.06 -2.73 21.16
C HIS A 462 11.84 -1.68 20.35
N GLY A 463 11.66 -0.41 20.68
CA GLY A 463 12.21 0.69 19.89
C GLY A 463 13.21 1.53 20.65
N ASN A 464 13.36 2.75 20.20
CA ASN A 464 14.51 3.63 20.56
C ASN A 464 14.09 4.67 21.59
N ALA A 465 12.82 4.75 21.97
CA ALA A 465 12.35 5.83 22.90
C ALA A 465 11.31 5.23 23.86
N GLU A 466 10.66 6.06 24.65
CA GLU A 466 9.77 5.58 25.73
C GLU A 466 8.64 4.69 25.15
N ALA A 467 8.41 3.50 25.71
CA ALA A 467 7.44 2.50 25.19
C ALA A 467 6.02 3.06 25.28
N ILE A 468 5.72 3.89 26.27
CA ILE A 468 4.31 4.27 26.60
C ILE A 468 4.07 5.72 26.24
N LYS A 469 5.00 6.40 25.59
CA LYS A 469 4.75 7.83 25.33
C LYS A 469 5.34 8.25 23.98
N GLY A 470 4.61 9.10 23.26
CA GLY A 470 5.08 9.74 22.03
C GLY A 470 4.96 8.83 20.79
N GLY A 471 5.70 9.18 19.74
CA GLY A 471 5.81 8.33 18.54
C GLY A 471 4.62 8.52 17.64
N LYS A 472 3.95 9.66 17.72
CA LYS A 472 2.72 9.94 16.92
C LYS A 472 2.96 11.11 15.95
N VAL A 473 2.16 11.15 14.89
CA VAL A 473 2.32 12.17 13.84
C VAL A 473 0.96 12.45 13.20
N VAL A 474 0.72 13.70 12.86
CA VAL A 474 -0.33 14.07 11.87
C VAL A 474 0.38 14.50 10.59
N SER A 475 0.04 13.84 9.49
CA SER A 475 0.59 14.10 8.14
C SER A 475 -0.43 14.93 7.35
N ASP A 476 -0.08 16.13 6.96
CA ASP A 476 -0.96 17.04 6.21
C ASP A 476 -0.80 16.68 4.73
N ALA A 477 -1.66 15.83 4.23
CA ALA A 477 -1.66 15.44 2.79
C ALA A 477 -2.75 16.24 2.05
N LEU A 478 -2.97 17.48 2.46
CA LEU A 478 -3.70 18.48 1.63
C LEU A 478 -2.66 19.37 0.98
N LEU A 479 -2.77 19.61 -0.34
CA LEU A 479 -1.88 20.58 -0.99
C LEU A 479 -2.22 22.01 -0.49
N THR A 480 -1.25 22.91 -0.55
CA THR A 480 -1.31 24.28 0.01
C THR A 480 -2.55 25.04 -0.49
N ALA A 481 -2.88 24.94 -1.80
CA ALA A 481 -4.06 25.64 -2.39
C ALA A 481 -5.41 25.12 -1.82
N GLU A 482 -5.50 23.90 -1.31
CA GLU A 482 -6.76 23.37 -0.74
C GLU A 482 -7.18 24.25 0.46
N TYR A 483 -6.26 24.92 1.15
CA TYR A 483 -6.59 25.72 2.36
C TYR A 483 -7.07 27.11 1.97
N THR A 484 -6.77 27.57 0.75
CA THR A 484 -6.93 28.99 0.31
C THR A 484 -7.92 29.06 -0.85
N THR A 485 -7.48 28.81 -2.09
CA THR A 485 -8.28 29.10 -3.30
C THR A 485 -8.98 27.84 -3.83
N GLY A 486 -8.47 26.66 -3.53
CA GLY A 486 -9.12 25.43 -3.95
C GLY A 486 -8.27 24.62 -4.90
N LYS A 487 -8.72 23.42 -5.16
CA LYS A 487 -8.02 22.43 -6.01
C LYS A 487 -7.72 23.03 -7.39
N ASP A 488 -6.45 23.05 -7.79
CA ASP A 488 -5.98 23.72 -9.04
C ASP A 488 -5.33 22.68 -9.97
N TRP A 489 -5.46 21.39 -9.67
CA TRP A 489 -4.93 20.29 -10.50
C TRP A 489 -6.07 19.41 -10.98
N GLU A 490 -5.74 18.53 -11.89
CA GLU A 490 -6.56 17.43 -12.39
C GLU A 490 -5.72 16.17 -12.24
N SER A 491 -6.29 15.08 -11.79
CA SER A 491 -5.58 13.79 -11.78
C SER A 491 -5.31 13.31 -13.19
N ALA A 492 -4.13 12.75 -13.37
CA ALA A 492 -3.70 12.13 -14.64
C ALA A 492 -4.18 10.70 -14.61
N ASP A 493 -5.50 10.52 -14.68
CA ASP A 493 -6.13 9.19 -14.63
C ASP A 493 -7.29 9.19 -15.63
N PHE A 494 -7.79 8.02 -15.90
CA PHE A 494 -8.88 7.81 -16.88
C PHE A 494 -10.09 8.65 -16.51
N LYS A 495 -10.46 8.63 -15.23
CA LYS A 495 -11.68 9.37 -14.73
C LYS A 495 -11.57 10.87 -14.93
N ASN A 496 -10.39 11.48 -14.86
CA ASN A 496 -10.29 12.95 -14.72
C ASN A 496 -9.53 13.60 -15.88
N SER A 497 -8.78 12.86 -16.70
CA SER A 497 -7.93 13.53 -17.72
C SER A 497 -8.57 13.40 -19.11
N TYR A 498 -9.77 12.82 -19.21
CA TYR A 498 -10.43 12.60 -20.54
C TYR A 498 -11.89 13.04 -20.39
N PRO A 499 -12.47 13.73 -21.40
CA PRO A 499 -13.89 14.06 -21.34
C PRO A 499 -14.81 12.83 -21.38
N LYS A 500 -16.01 13.02 -20.82
CA LYS A 500 -17.05 11.97 -20.71
C LYS A 500 -17.30 11.34 -22.08
N SER A 501 -17.31 12.13 -23.15
CA SER A 501 -17.58 11.62 -24.53
C SER A 501 -16.51 10.58 -24.88
N ILE A 502 -15.25 10.88 -24.58
CA ILE A 502 -14.11 9.95 -24.82
C ILE A 502 -14.25 8.74 -23.93
N GLN A 503 -14.49 8.95 -22.62
CA GLN A 503 -14.59 7.81 -21.67
C GLN A 503 -15.68 6.86 -22.17
N ASP A 504 -16.85 7.38 -22.53
CA ASP A 504 -18.03 6.54 -22.93
C ASP A 504 -17.66 5.73 -24.18
N LYS A 505 -17.00 6.37 -25.16
CA LYS A 505 -16.58 5.69 -26.41
C LYS A 505 -15.62 4.56 -26.09
N VAL A 506 -14.65 4.81 -25.21
CA VAL A 506 -13.70 3.74 -24.82
C VAL A 506 -14.43 2.64 -24.08
N LEU A 507 -15.24 2.93 -23.05
CA LEU A 507 -15.95 1.88 -22.28
C LEU A 507 -16.82 1.03 -23.22
N ASN A 508 -17.51 1.69 -24.15
CA ASN A 508 -18.44 1.00 -25.10
C ASN A 508 -17.68 0.12 -26.11
N SER A 509 -16.42 0.46 -26.46
CA SER A 509 -15.55 -0.28 -27.41
C SER A 509 -14.79 -1.40 -26.71
N TRP A 510 -14.63 -1.35 -25.38
CA TRP A 510 -13.55 -2.08 -24.64
C TRP A 510 -13.50 -3.57 -25.00
N GLU A 511 -14.60 -4.28 -24.77
CA GLU A 511 -14.64 -5.74 -24.97
C GLU A 511 -14.58 -6.08 -26.47
N ARG A 512 -15.31 -5.36 -27.30
CA ARG A 512 -15.26 -5.60 -28.78
C ARG A 512 -13.80 -5.53 -29.24
N LEU A 513 -13.01 -4.56 -28.74
CA LEU A 513 -11.61 -4.39 -29.19
C LEU A 513 -10.72 -5.55 -28.73
N GLY A 514 -11.06 -6.26 -27.65
CA GLY A 514 -10.32 -7.44 -27.18
C GLY A 514 -9.74 -7.28 -25.78
N PHE A 515 -10.08 -6.22 -25.04
CA PHE A 515 -9.63 -6.03 -23.64
C PHE A 515 -10.57 -6.80 -22.70
N LYS A 516 -10.14 -6.95 -21.45
CA LYS A 516 -10.83 -7.71 -20.38
C LYS A 516 -12.00 -6.84 -19.88
N LYS A 517 -13.16 -7.44 -19.56
CA LYS A 517 -14.37 -6.76 -18.97
C LYS A 517 -14.01 -5.82 -17.80
N GLU B 21 16.13 -10.29 -36.20
CA GLU B 21 16.75 -9.74 -34.93
C GLU B 21 15.83 -10.01 -33.74
N PRO B 22 16.40 -10.36 -32.56
CA PRO B 22 15.56 -10.71 -31.41
C PRO B 22 14.83 -9.51 -30.85
N PRO B 23 13.74 -9.75 -30.09
CA PRO B 23 12.92 -8.67 -29.52
C PRO B 23 13.69 -7.57 -28.75
N HIS B 24 14.75 -7.90 -27.98
CA HIS B 24 15.53 -6.91 -27.19
C HIS B 24 16.38 -6.01 -28.09
N LEU B 25 16.56 -6.39 -29.36
CA LEU B 25 17.42 -5.61 -30.28
C LEU B 25 16.62 -4.94 -31.39
N SER B 26 15.31 -5.15 -31.43
CA SER B 26 14.43 -4.57 -32.47
C SER B 26 13.08 -4.26 -31.87
N PHE B 27 12.63 -3.01 -31.97
CA PHE B 27 11.29 -2.60 -31.51
C PHE B 27 10.24 -3.37 -32.32
N ARG B 28 10.43 -3.52 -33.63
CA ARG B 28 9.46 -4.27 -34.48
C ARG B 28 9.37 -5.73 -34.00
N SER B 29 10.49 -6.38 -33.66
CA SER B 29 10.51 -7.78 -33.16
C SER B 29 9.81 -7.84 -31.80
N PHE B 30 10.05 -6.83 -30.99
CA PHE B 30 9.43 -6.70 -29.64
C PHE B 30 7.91 -6.73 -29.81
N VAL B 31 7.39 -5.94 -30.75
CA VAL B 31 5.90 -5.87 -30.98
C VAL B 31 5.43 -7.26 -31.38
N ASN B 32 6.14 -7.95 -32.27
CA ASN B 32 5.73 -9.32 -32.63
C ASN B 32 5.83 -10.26 -31.40
N ALA B 33 6.83 -10.09 -30.53
CA ALA B 33 6.94 -10.92 -29.28
C ALA B 33 5.74 -10.70 -28.36
N LEU B 34 5.26 -9.47 -28.20
CA LEU B 34 4.07 -9.19 -27.38
C LEU B 34 2.86 -9.88 -28.03
N ARG B 35 2.77 -9.86 -29.38
CA ARG B 35 1.65 -10.50 -30.12
C ARG B 35 1.69 -12.00 -29.84
N GLN B 36 2.85 -12.65 -29.84
CA GLN B 36 3.00 -14.10 -29.56
C GLN B 36 2.72 -14.42 -28.09
N ASP B 37 2.99 -13.50 -27.16
CA ASP B 37 2.69 -13.72 -25.73
C ASP B 37 1.19 -13.61 -25.43
N GLY B 38 0.34 -13.21 -26.39
CA GLY B 38 -1.05 -12.82 -26.11
C GLY B 38 -1.11 -11.59 -25.22
N ASP B 39 -0.22 -10.61 -25.44
CA ASP B 39 -0.01 -9.40 -24.59
C ASP B 39 -0.17 -8.17 -25.47
N LEU B 40 -0.84 -8.30 -26.61
CA LEU B 40 -1.03 -7.13 -27.48
C LEU B 40 -2.40 -7.20 -28.17
N VAL B 41 -3.05 -6.05 -28.29
CA VAL B 41 -4.33 -5.92 -29.05
C VAL B 41 -4.05 -5.07 -30.29
N ASP B 42 -4.29 -5.66 -31.46
CA ASP B 42 -4.25 -4.91 -32.74
C ASP B 42 -5.58 -4.18 -32.90
N ILE B 43 -5.60 -2.85 -32.83
CA ILE B 43 -6.83 -2.05 -32.99
C ILE B 43 -6.84 -1.54 -34.43
N ASN B 44 -7.76 -2.05 -35.23
CA ASN B 44 -7.84 -1.78 -36.69
C ASN B 44 -8.95 -0.79 -36.95
N GLU B 45 -9.85 -0.60 -36.00
CA GLU B 45 -10.84 0.49 -36.04
C GLU B 45 -10.09 1.82 -35.93
N PRO B 46 -10.62 2.91 -36.51
CA PRO B 46 -9.96 4.21 -36.43
C PRO B 46 -9.94 4.71 -34.97
N VAL B 47 -8.79 5.23 -34.53
CA VAL B 47 -8.67 5.83 -33.17
C VAL B 47 -8.08 7.24 -33.31
N ASP B 48 -8.69 8.19 -32.63
CA ASP B 48 -8.25 9.59 -32.69
C ASP B 48 -7.01 9.76 -31.81
N PRO B 49 -5.90 10.32 -32.32
CA PRO B 49 -4.74 10.65 -31.49
C PRO B 49 -5.03 11.84 -30.54
N ASP B 50 -6.07 12.61 -30.82
CA ASP B 50 -6.65 13.63 -29.90
C ASP B 50 -7.44 12.93 -28.77
N LEU B 51 -6.73 12.52 -27.73
CA LEU B 51 -7.27 11.94 -26.43
C LEU B 51 -7.64 10.48 -26.51
N GLU B 52 -8.25 9.97 -27.58
CA GLU B 52 -8.81 8.61 -27.57
C GLU B 52 -7.70 7.55 -27.42
N ALA B 53 -6.59 7.64 -28.14
CA ALA B 53 -5.50 6.64 -28.05
C ALA B 53 -4.96 6.59 -26.60
N ALA B 54 -4.71 7.75 -26.04
CA ALA B 54 -4.19 7.98 -24.67
C ALA B 54 -5.23 7.46 -23.65
N ALA B 55 -6.54 7.67 -23.88
CA ALA B 55 -7.60 7.21 -22.97
C ALA B 55 -7.62 5.69 -22.93
N ILE B 56 -7.52 5.02 -24.09
CA ILE B 56 -7.43 3.53 -24.13
C ILE B 56 -6.17 3.10 -23.37
N THR B 57 -5.03 3.73 -23.67
CA THR B 57 -3.73 3.36 -23.05
C THR B 57 -3.79 3.55 -21.53
N ARG B 58 -4.29 4.68 -21.07
CA ARG B 58 -4.49 4.97 -19.64
C ARG B 58 -5.31 3.85 -18.98
N LEU B 59 -6.43 3.43 -19.56
CA LEU B 59 -7.27 2.38 -18.93
C LEU B 59 -6.54 1.05 -18.93
N VAL B 60 -5.75 0.75 -19.98
CA VAL B 60 -4.88 -0.46 -19.99
C VAL B 60 -3.92 -0.38 -18.78
N CYS B 61 -3.25 0.74 -18.59
CA CYS B 61 -2.26 0.93 -17.47
C CYS B 61 -2.98 0.81 -16.12
N GLU B 62 -4.20 1.30 -15.99
CA GLU B 62 -4.93 1.27 -14.69
C GLU B 62 -5.47 -0.13 -14.44
N THR B 63 -5.57 -1.01 -15.44
CA THR B 63 -6.15 -2.35 -15.26
C THR B 63 -5.14 -3.44 -15.60
N ASP B 64 -3.88 -3.09 -15.88
CA ASP B 64 -2.80 -4.04 -16.26
C ASP B 64 -3.23 -4.93 -17.45
N ASP B 65 -3.83 -4.37 -18.48
CA ASP B 65 -4.31 -5.22 -19.61
C ASP B 65 -3.20 -5.31 -20.68
N LYS B 66 -3.55 -5.88 -21.83
CA LYS B 66 -2.66 -6.02 -23.00
C LYS B 66 -2.27 -4.66 -23.58
N ALA B 67 -1.06 -4.55 -24.14
CA ALA B 67 -0.60 -3.34 -24.83
C ALA B 67 -1.44 -3.08 -26.07
N PRO B 68 -1.94 -1.83 -26.26
CA PRO B 68 -2.69 -1.45 -27.46
C PRO B 68 -1.77 -0.99 -28.60
N LEU B 69 -1.93 -1.62 -29.76
CA LEU B 69 -1.27 -1.16 -31.03
C LEU B 69 -2.33 -0.52 -31.93
N PHE B 70 -2.28 0.78 -32.09
CA PHE B 70 -3.25 1.56 -32.88
C PHE B 70 -2.76 1.47 -34.33
N ASN B 71 -3.30 0.55 -35.14
CA ASN B 71 -2.90 0.37 -36.56
C ASN B 71 -3.62 1.38 -37.47
N ASN B 72 -4.62 2.09 -36.99
CA ASN B 72 -5.45 3.00 -37.81
C ASN B 72 -5.63 4.30 -37.02
N VAL B 73 -4.60 5.13 -36.99
CA VAL B 73 -4.61 6.45 -36.29
C VAL B 73 -5.19 7.51 -37.24
N ILE B 74 -6.25 8.20 -36.81
CA ILE B 74 -6.94 9.24 -37.62
C ILE B 74 -5.92 10.33 -37.92
N GLY B 75 -5.81 10.71 -39.19
CA GLY B 75 -4.87 11.76 -39.60
C GLY B 75 -3.52 11.17 -39.99
N ALA B 76 -3.31 9.86 -39.88
CA ALA B 76 -2.07 9.20 -40.33
C ALA B 76 -1.93 9.31 -41.86
N LYS B 77 -0.81 9.84 -42.32
CA LYS B 77 -0.50 10.16 -43.75
C LYS B 77 0.94 9.73 -44.04
N ASP B 78 1.22 9.28 -45.27
CA ASP B 78 2.60 9.09 -45.79
C ASP B 78 3.35 8.06 -44.94
N GLY B 79 2.65 7.13 -44.27
CA GLY B 79 3.25 6.09 -43.41
C GLY B 79 3.54 6.58 -41.98
N LEU B 80 3.13 7.80 -41.62
CA LEU B 80 3.28 8.33 -40.22
C LEU B 80 1.91 8.55 -39.58
N TRP B 81 1.58 7.82 -38.50
CA TRP B 81 2.25 6.65 -37.93
C TRP B 81 1.18 5.83 -37.20
N ARG B 82 1.52 4.60 -36.86
CA ARG B 82 0.84 3.72 -35.89
C ARG B 82 1.33 4.11 -34.50
N ILE B 83 0.60 3.74 -33.47
CA ILE B 83 1.01 4.11 -32.08
C ILE B 83 0.95 2.84 -31.26
N LEU B 84 2.02 2.56 -30.49
CA LEU B 84 1.94 1.51 -29.47
C LEU B 84 1.82 2.19 -28.10
N GLY B 85 0.76 1.89 -27.37
CA GLY B 85 0.62 2.38 -25.98
C GLY B 85 1.20 1.38 -24.98
N ALA B 86 1.55 1.86 -23.76
CA ALA B 86 1.87 1.05 -22.59
C ALA B 86 3.00 0.07 -22.90
N PRO B 87 4.10 0.50 -23.55
CA PRO B 87 5.18 -0.40 -23.96
C PRO B 87 5.86 -1.15 -22.81
N ALA B 88 5.84 -0.63 -21.59
CA ALA B 88 6.56 -1.27 -20.46
C ALA B 88 5.70 -1.21 -19.18
N SER B 89 4.40 -1.32 -19.34
CA SER B 89 3.45 -1.36 -18.22
C SER B 89 3.28 -2.83 -17.77
N LEU B 90 2.39 -3.11 -16.80
CA LEU B 90 2.36 -4.44 -16.17
C LEU B 90 1.31 -5.35 -16.81
N ARG B 91 1.51 -6.65 -16.71
CA ARG B 91 0.51 -7.69 -17.08
C ARG B 91 -0.29 -8.05 -15.84
N SER B 92 -1.53 -8.53 -16.00
CA SER B 92 -2.40 -8.77 -14.82
C SER B 92 -2.05 -10.11 -14.17
N SER B 93 -1.62 -11.10 -14.95
CA SER B 93 -1.25 -12.43 -14.42
C SER B 93 -0.08 -12.29 -13.45
N PRO B 94 -0.23 -12.68 -12.16
CA PRO B 94 0.83 -12.53 -11.15
C PRO B 94 2.19 -13.16 -11.54
N LYS B 95 2.15 -14.31 -12.21
CA LYS B 95 3.36 -15.09 -12.58
C LYS B 95 4.12 -14.38 -13.71
N GLU B 96 3.47 -13.53 -14.49
CA GLU B 96 4.09 -12.84 -15.65
C GLU B 96 3.96 -11.32 -15.50
N ARG B 97 3.80 -10.80 -14.27
CA ARG B 97 3.50 -9.37 -14.01
C ARG B 97 4.49 -8.45 -14.75
N PHE B 98 5.78 -8.81 -14.76
CA PHE B 98 6.83 -7.93 -15.36
C PHE B 98 7.20 -8.39 -16.76
N GLY B 99 6.35 -9.17 -17.42
CA GLY B 99 6.66 -9.80 -18.71
C GLY B 99 7.00 -8.81 -19.80
N ARG B 100 6.33 -7.65 -19.85
CA ARG B 100 6.55 -6.67 -20.95
C ARG B 100 7.94 -6.04 -20.79
N LEU B 101 8.36 -5.81 -19.55
CA LEU B 101 9.73 -5.35 -19.20
C LEU B 101 10.75 -6.45 -19.52
N ALA B 102 10.47 -7.72 -19.19
CA ALA B 102 11.40 -8.83 -19.45
C ALA B 102 11.64 -8.95 -20.96
N ARG B 103 10.61 -8.73 -21.79
CA ARG B 103 10.77 -8.81 -23.27
C ARG B 103 11.63 -7.65 -23.80
N HIS B 104 11.86 -6.60 -23.02
CA HIS B 104 12.83 -5.54 -23.39
C HIS B 104 14.27 -6.10 -23.29
N LEU B 105 14.53 -7.16 -22.51
CA LEU B 105 15.89 -7.49 -21.99
C LEU B 105 16.25 -8.96 -22.20
N ALA B 106 15.57 -9.71 -23.06
CA ALA B 106 15.91 -11.13 -23.32
C ALA B 106 15.74 -11.94 -22.04
N LEU B 107 14.79 -11.59 -21.20
CA LEU B 107 14.48 -12.39 -19.99
C LEU B 107 13.20 -13.12 -20.25
N PRO B 108 12.94 -14.27 -19.58
CA PRO B 108 11.66 -14.96 -19.71
C PRO B 108 10.51 -14.09 -19.18
N PRO B 109 9.25 -14.27 -19.62
CA PRO B 109 8.14 -13.43 -19.17
C PRO B 109 7.82 -13.56 -17.66
N THR B 110 8.34 -14.62 -17.02
CA THR B 110 8.15 -14.91 -15.57
C THR B 110 9.26 -14.23 -14.75
N ALA B 111 10.14 -13.46 -15.37
CA ALA B 111 11.25 -12.77 -14.66
C ALA B 111 10.71 -11.90 -13.52
N SER B 112 11.37 -11.93 -12.37
CA SER B 112 11.05 -11.05 -11.21
C SER B 112 11.55 -9.64 -11.52
N ALA B 113 11.09 -8.65 -10.76
CA ALA B 113 11.63 -7.28 -10.83
C ALA B 113 13.13 -7.30 -10.48
N LYS B 114 13.55 -8.20 -9.58
CA LYS B 114 14.97 -8.31 -9.17
C LYS B 114 15.81 -8.81 -10.36
N ASP B 115 15.30 -9.80 -11.10
CA ASP B 115 15.97 -10.33 -12.31
C ASP B 115 16.14 -9.18 -13.31
N ILE B 116 15.12 -8.34 -13.45
CA ILE B 116 15.23 -7.21 -14.42
C ILE B 116 16.32 -6.24 -13.96
N LEU B 117 16.28 -5.84 -12.69
CA LEU B 117 17.19 -4.82 -12.16
C LEU B 117 18.62 -5.39 -12.15
N ASP B 118 18.79 -6.65 -11.76
CA ASP B 118 20.13 -7.31 -11.76
C ASP B 118 20.70 -7.27 -13.18
N LYS B 119 19.86 -7.53 -14.19
CA LYS B 119 20.26 -7.52 -15.61
C LYS B 119 20.70 -6.12 -16.00
N MET B 120 19.95 -5.07 -15.64
CA MET B 120 20.29 -3.66 -16.01
C MET B 120 21.61 -3.24 -15.33
N LEU B 121 21.91 -3.79 -14.14
CA LEU B 121 23.12 -3.47 -13.36
C LEU B 121 24.32 -4.27 -13.86
N SER B 122 24.08 -5.38 -14.56
CA SER B 122 25.12 -6.36 -15.00
C SER B 122 26.24 -5.68 -15.78
N ALA B 123 25.94 -4.64 -16.59
CA ALA B 123 26.95 -3.90 -17.40
C ALA B 123 27.79 -2.95 -16.53
N ASN B 124 27.46 -2.78 -15.25
CA ASN B 124 28.24 -1.97 -14.28
C ASN B 124 29.67 -2.48 -14.14
N SER B 125 29.90 -3.78 -14.26
CA SER B 125 31.22 -4.39 -13.91
C SER B 125 31.73 -5.33 -15.01
N ILE B 126 31.35 -5.10 -16.28
CA ILE B 126 31.98 -5.76 -17.47
C ILE B 126 32.38 -4.67 -18.47
N PRO B 127 33.29 -4.96 -19.41
CA PRO B 127 33.64 -3.97 -20.43
C PRO B 127 32.43 -3.61 -21.28
N PRO B 128 32.29 -2.33 -21.64
CA PRO B 128 31.36 -1.92 -22.67
C PRO B 128 31.54 -2.76 -23.94
N ILE B 129 30.45 -3.09 -24.66
CA ILE B 129 30.50 -3.66 -26.03
C ILE B 129 30.10 -2.51 -26.96
N GLU B 130 31.09 -1.97 -27.66
CA GLU B 130 30.93 -0.72 -28.45
C GLU B 130 29.99 -0.98 -29.61
N PRO B 131 29.20 0.05 -30.00
CA PRO B 131 28.29 -0.09 -31.13
C PRO B 131 29.10 -0.31 -32.41
N VAL B 132 28.46 -0.90 -33.42
CA VAL B 132 29.05 -1.06 -34.78
C VAL B 132 28.24 -0.21 -35.74
N ILE B 133 28.93 0.35 -36.73
CA ILE B 133 28.31 1.23 -37.76
C ILE B 133 27.91 0.39 -38.95
N VAL B 134 26.69 0.62 -39.42
CA VAL B 134 26.17 0.07 -40.70
C VAL B 134 25.83 1.26 -41.61
N PRO B 135 25.97 1.09 -42.93
CA PRO B 135 25.76 2.21 -43.85
C PRO B 135 24.29 2.58 -44.07
N THR B 136 23.37 1.68 -43.73
CA THR B 136 21.91 1.93 -43.86
C THR B 136 21.15 0.97 -42.94
N GLY B 137 19.83 1.11 -42.90
CA GLY B 137 18.92 0.22 -42.17
C GLY B 137 17.48 0.64 -42.44
N PRO B 138 16.53 -0.10 -41.85
CA PRO B 138 15.10 0.14 -42.08
C PRO B 138 14.71 1.59 -41.76
N VAL B 139 15.37 2.24 -40.79
CA VAL B 139 15.02 3.65 -40.40
C VAL B 139 15.25 4.60 -41.58
N LYS B 140 16.04 4.19 -42.59
CA LYS B 140 16.29 5.02 -43.79
C LYS B 140 15.28 4.72 -44.94
N GLU B 141 14.25 3.90 -44.74
CA GLU B 141 13.26 3.55 -45.82
C GLU B 141 12.50 4.77 -46.34
N ASN B 142 12.28 5.81 -45.51
CA ASN B 142 11.44 6.99 -45.89
C ASN B 142 12.05 8.25 -45.28
N SER B 143 11.76 9.42 -45.87
CA SER B 143 12.22 10.70 -45.27
C SER B 143 11.37 11.89 -45.65
N ILE B 144 11.38 12.90 -44.77
CA ILE B 144 10.77 14.22 -45.02
C ILE B 144 11.82 15.22 -44.54
N GLU B 145 12.09 16.25 -45.34
CA GLU B 145 13.26 17.16 -45.14
C GLU B 145 12.80 18.60 -45.18
N GLY B 146 13.39 19.42 -44.31
CA GLY B 146 13.37 20.90 -44.38
C GLY B 146 11.94 21.42 -44.43
N GLU B 147 11.64 22.29 -45.39
CA GLU B 147 10.32 22.96 -45.54
C GLU B 147 9.17 21.95 -45.70
N ASN B 148 9.42 20.69 -46.05
CA ASN B 148 8.30 19.74 -46.22
C ASN B 148 7.82 19.26 -44.84
N ILE B 149 8.59 19.49 -43.80
CA ILE B 149 8.21 19.06 -42.42
C ILE B 149 7.13 20.00 -41.86
N ASP B 150 6.01 19.43 -41.42
CA ASP B 150 4.99 20.14 -40.59
C ASP B 150 4.59 19.26 -39.40
N LEU B 151 5.23 19.49 -38.27
CA LEU B 151 4.99 18.64 -37.08
C LEU B 151 3.55 18.79 -36.58
N GLU B 152 2.94 19.95 -36.80
CA GLU B 152 1.55 20.30 -36.42
C GLU B 152 0.54 19.45 -37.20
N ALA B 153 0.93 18.91 -38.37
CA ALA B 153 0.04 18.15 -39.27
C ALA B 153 0.21 16.64 -39.03
N LEU B 154 1.20 16.22 -38.24
CA LEU B 154 1.42 14.79 -37.90
C LEU B 154 0.46 14.41 -36.78
N PRO B 155 0.04 13.13 -36.70
CA PRO B 155 -0.91 12.66 -35.67
C PRO B 155 -0.26 12.43 -34.29
N ALA B 156 0.42 13.45 -33.78
CA ALA B 156 1.03 13.44 -32.43
C ALA B 156 -0.13 13.40 -31.44
N PRO B 157 -0.04 12.54 -30.41
CA PRO B 157 -1.15 12.37 -29.47
C PRO B 157 -1.34 13.55 -28.50
N MET B 158 -2.60 13.84 -28.21
CA MET B 158 -2.97 14.65 -27.03
C MET B 158 -3.12 13.61 -25.92
N VAL B 159 -2.18 13.60 -25.00
CA VAL B 159 -2.06 12.50 -24.03
C VAL B 159 -2.98 12.74 -22.82
N HIS B 160 -3.21 13.98 -22.41
CA HIS B 160 -4.17 14.31 -21.34
C HIS B 160 -4.91 15.57 -21.75
N GLN B 161 -6.19 15.68 -21.37
CA GLN B 161 -7.06 16.78 -21.89
C GLN B 161 -6.48 18.14 -21.54
N SER B 162 -5.74 18.29 -20.42
CA SER B 162 -5.26 19.62 -19.97
C SER B 162 -3.77 19.81 -20.26
N ASP B 163 -3.15 18.93 -21.05
CA ASP B 163 -1.75 19.13 -21.51
C ASP B 163 -1.68 20.42 -22.34
N GLY B 164 -0.51 21.04 -22.35
CA GLY B 164 -0.27 22.32 -23.04
C GLY B 164 0.04 22.12 -24.51
N GLY B 165 0.06 20.88 -24.97
CA GLY B 165 0.40 20.58 -26.36
C GLY B 165 0.36 19.11 -26.61
N LYS B 166 0.70 18.71 -27.84
CA LYS B 166 0.72 17.28 -28.28
C LYS B 166 2.10 16.69 -27.96
N TYR B 167 2.15 15.77 -27.01
CA TYR B 167 3.39 15.15 -26.49
C TYR B 167 3.74 13.97 -27.40
N ILE B 168 4.35 14.32 -28.54
CA ILE B 168 4.96 13.38 -29.51
C ILE B 168 6.01 12.53 -28.78
N GLN B 169 6.76 13.16 -27.86
CA GLN B 169 7.92 12.49 -27.22
C GLN B 169 7.56 12.09 -25.78
N THR B 170 7.13 10.85 -25.58
CA THR B 170 6.96 10.23 -24.23
C THR B 170 7.75 8.92 -24.11
N TYR B 171 8.29 8.33 -25.20
CA TYR B 171 9.04 7.05 -25.11
C TYR B 171 10.10 6.91 -26.22
N GLY B 172 10.63 8.03 -26.68
CA GLY B 172 11.79 8.08 -27.56
C GLY B 172 13.06 8.32 -26.75
N MET B 173 14.19 8.16 -27.40
CA MET B 173 15.57 8.38 -26.91
C MET B 173 16.14 9.64 -27.54
N HIS B 174 16.42 10.67 -26.75
CA HIS B 174 17.24 11.83 -27.16
C HIS B 174 18.72 11.41 -27.21
N VAL B 175 19.40 11.81 -28.29
CA VAL B 175 20.81 11.50 -28.58
C VAL B 175 21.51 12.84 -28.64
N ILE B 176 22.48 13.02 -27.73
CA ILE B 176 23.23 14.28 -27.70
C ILE B 176 24.66 13.97 -27.26
N GLN B 177 25.61 14.70 -27.82
CA GLN B 177 27.06 14.42 -27.62
C GLN B 177 27.70 15.66 -27.01
N SER B 178 28.66 15.41 -26.12
CA SER B 178 29.48 16.40 -25.42
C SER B 178 30.33 17.14 -26.45
N PRO B 179 30.75 18.39 -26.16
CA PRO B 179 31.70 19.10 -27.02
C PRO B 179 33.03 18.38 -27.33
N ASP B 180 33.55 17.52 -26.46
CA ASP B 180 34.81 16.77 -26.72
C ASP B 180 34.54 15.53 -27.57
N GLY B 181 33.29 15.20 -27.86
CA GLY B 181 32.94 14.09 -28.75
C GLY B 181 33.03 12.72 -28.11
N CYS B 182 33.42 12.65 -26.85
CA CYS B 182 33.74 11.37 -26.17
C CYS B 182 32.47 10.77 -25.56
N TRP B 183 31.49 11.60 -25.23
CA TRP B 183 30.29 11.18 -24.46
C TRP B 183 29.05 11.39 -25.30
N THR B 184 28.43 10.31 -25.74
CA THR B 184 27.13 10.34 -26.40
C THR B 184 26.08 9.84 -25.39
N ASN B 185 25.20 10.75 -24.99
CA ASN B 185 24.15 10.43 -23.99
C ASN B 185 22.88 10.03 -24.70
N TRP B 186 22.26 8.96 -24.19
CA TRP B 186 20.89 8.53 -24.58
C TRP B 186 19.99 8.68 -23.36
N SER B 187 18.88 9.41 -23.48
CA SER B 187 17.97 9.62 -22.34
C SER B 187 16.53 9.85 -22.82
N ILE B 188 15.58 9.62 -21.93
CA ILE B 188 14.15 9.93 -22.16
C ILE B 188 13.87 11.24 -21.42
N ALA B 189 13.36 12.22 -22.14
CA ALA B 189 12.78 13.44 -21.54
C ALA B 189 11.60 13.80 -22.45
N ARG B 190 10.52 14.29 -21.83
CA ARG B 190 9.28 14.61 -22.57
C ARG B 190 9.50 15.78 -23.54
N ALA B 191 8.76 15.80 -24.65
CA ALA B 191 8.73 16.97 -25.53
C ALA B 191 7.39 16.99 -26.28
N MET B 192 6.92 18.18 -26.51
CA MET B 192 5.64 18.46 -27.19
C MET B 192 5.93 19.27 -28.45
N VAL B 193 5.07 19.08 -29.44
CA VAL B 193 5.11 19.92 -30.67
C VAL B 193 4.86 21.39 -30.28
N SER B 194 5.72 22.27 -30.75
CA SER B 194 5.76 23.72 -30.44
C SER B 194 5.42 24.55 -31.70
N GLY B 195 5.59 23.97 -32.88
CA GLY B 195 5.52 24.71 -34.14
C GLY B 195 5.78 23.79 -35.32
N LYS B 196 5.81 24.35 -36.51
CA LYS B 196 5.91 23.57 -37.77
C LYS B 196 7.19 22.71 -37.74
N ARG B 197 8.29 23.25 -37.20
CA ARG B 197 9.60 22.54 -37.19
C ARG B 197 10.18 22.43 -35.78
N THR B 198 9.43 22.75 -34.71
CA THR B 198 10.02 22.88 -33.36
C THR B 198 9.28 21.98 -32.36
N LEU B 199 10.04 21.48 -31.39
CA LEU B 199 9.54 20.87 -30.14
C LEU B 199 10.02 21.74 -28.98
N ALA B 200 9.28 21.68 -27.88
CA ALA B 200 9.69 22.19 -26.56
C ALA B 200 9.69 21.03 -25.60
N GLY B 201 10.72 20.90 -24.77
CA GLY B 201 10.86 19.72 -23.90
C GLY B 201 11.60 20.07 -22.62
N LEU B 202 11.35 19.29 -21.56
CA LEU B 202 12.08 19.41 -20.27
C LEU B 202 13.54 19.05 -20.47
N VAL B 203 14.39 19.98 -20.06
CA VAL B 203 15.88 19.84 -20.07
C VAL B 203 16.33 20.37 -18.72
N ILE B 204 16.21 19.55 -17.69
CA ILE B 204 16.31 20.01 -16.26
C ILE B 204 17.56 19.44 -15.61
N SER B 205 18.16 20.20 -14.70
CA SER B 205 19.21 19.72 -13.79
C SER B 205 18.61 18.67 -12.90
N PRO B 206 19.34 17.58 -12.55
CA PRO B 206 20.72 17.34 -12.99
C PRO B 206 20.85 16.33 -14.14
N GLN B 207 19.89 16.28 -15.06
CA GLN B 207 19.85 15.23 -16.11
C GLN B 207 21.00 15.48 -17.08
N HIS B 208 21.49 14.40 -17.68
CA HIS B 208 22.68 14.49 -18.56
C HIS B 208 22.37 15.33 -19.80
N ILE B 209 21.15 15.37 -20.33
CA ILE B 209 20.85 16.24 -21.49
C ILE B 209 21.08 17.70 -21.11
N ARG B 210 20.75 18.09 -19.89
CA ARG B 210 20.98 19.46 -19.42
C ARG B 210 22.47 19.69 -19.12
N LYS B 211 23.15 18.72 -18.53
CA LYS B 211 24.61 18.88 -18.25
C LYS B 211 25.33 19.14 -19.58
N ILE B 212 25.01 18.36 -20.61
CA ILE B 212 25.62 18.50 -21.96
C ILE B 212 25.16 19.82 -22.60
N GLN B 213 23.88 20.18 -22.53
CA GLN B 213 23.42 21.50 -23.03
C GLN B 213 24.27 22.63 -22.41
N ASP B 214 24.51 22.62 -21.10
CA ASP B 214 25.23 23.70 -20.40
C ASP B 214 26.71 23.74 -20.87
N GLN B 215 27.32 22.60 -21.15
CA GLN B 215 28.72 22.53 -21.65
C GLN B 215 28.77 23.25 -23.00
N TRP B 216 27.81 23.01 -23.91
CA TRP B 216 27.79 23.72 -25.21
C TRP B 216 27.52 25.22 -25.02
N ARG B 217 26.61 25.57 -24.11
CA ARG B 217 26.30 26.99 -23.85
C ARG B 217 27.59 27.69 -23.43
N ALA B 218 28.39 27.05 -22.59
CA ALA B 218 29.57 27.67 -21.93
C ALA B 218 30.64 27.97 -23.00
N ILE B 219 30.70 27.25 -24.12
CA ILE B 219 31.68 27.52 -25.23
C ILE B 219 31.05 28.32 -26.39
N GLY B 220 29.78 28.72 -26.29
CA GLY B 220 29.11 29.66 -27.21
C GLY B 220 28.42 28.99 -28.39
N GLN B 221 28.13 27.69 -28.34
CA GLN B 221 27.39 27.01 -29.44
C GLN B 221 25.91 27.32 -29.28
N GLU B 222 25.30 27.94 -30.28
CA GLU B 222 23.87 28.32 -30.26
C GLU B 222 23.01 27.08 -30.56
N GLU B 223 23.35 26.27 -31.56
CA GLU B 223 22.52 25.11 -31.97
C GLU B 223 23.33 23.83 -31.88
N ILE B 224 22.95 22.93 -30.97
CA ILE B 224 23.69 21.70 -30.67
C ILE B 224 23.13 20.59 -31.53
N PRO B 225 23.99 19.82 -32.24
CA PRO B 225 23.50 18.66 -32.96
C PRO B 225 22.74 17.71 -32.03
N TRP B 226 21.59 17.23 -32.49
CA TRP B 226 20.64 16.41 -31.73
C TRP B 226 19.87 15.48 -32.65
N ALA B 227 19.46 14.35 -32.09
CA ALA B 227 18.52 13.42 -32.73
C ALA B 227 17.58 12.86 -31.65
N LEU B 228 16.40 12.50 -32.08
CA LEU B 228 15.40 11.82 -31.22
C LEU B 228 14.93 10.59 -31.96
N ALA B 229 15.18 9.42 -31.42
CA ALA B 229 14.83 8.12 -32.02
C ALA B 229 13.68 7.47 -31.23
N PHE B 230 12.60 7.20 -31.93
CA PHE B 230 11.41 6.48 -31.45
C PHE B 230 11.43 5.04 -31.94
N GLY B 231 11.01 4.12 -31.06
CA GLY B 231 10.96 2.68 -31.38
C GLY B 231 12.37 2.18 -31.52
N VAL B 232 13.23 2.54 -30.57
CA VAL B 232 14.63 2.07 -30.51
C VAL B 232 14.64 0.62 -30.02
N PRO B 233 15.78 -0.11 -30.15
CA PRO B 233 15.93 -1.44 -29.56
C PRO B 233 15.50 -1.35 -28.10
N PRO B 234 14.61 -2.26 -27.66
CA PRO B 234 14.11 -2.20 -26.29
C PRO B 234 15.19 -2.12 -25.19
N THR B 235 16.31 -2.81 -25.33
CA THR B 235 17.43 -2.69 -24.35
C THR B 235 17.88 -1.22 -24.30
N ALA B 236 17.90 -0.53 -25.42
CA ALA B 236 18.39 0.85 -25.47
C ALA B 236 17.43 1.78 -24.70
N ILE B 237 16.11 1.63 -24.90
CA ILE B 237 15.17 2.55 -24.19
C ILE B 237 15.26 2.31 -22.66
N MET B 238 15.53 1.08 -22.23
CA MET B 238 15.72 0.79 -20.78
C MET B 238 16.95 1.53 -20.25
N ALA B 239 18.09 1.41 -20.93
CA ALA B 239 19.32 2.17 -20.60
C ALA B 239 19.05 3.68 -20.65
N SER B 240 18.24 4.17 -21.59
CA SER B 240 17.91 5.61 -21.72
C SER B 240 17.22 6.12 -20.43
N SER B 241 16.48 5.24 -19.74
CA SER B 241 15.69 5.57 -18.53
C SER B 241 16.51 5.33 -17.25
N MET B 242 17.73 4.83 -17.40
CA MET B 242 18.59 4.51 -16.24
C MET B 242 19.66 5.57 -16.01
N PRO B 243 19.86 6.01 -14.75
CA PRO B 243 20.86 7.03 -14.44
C PRO B 243 22.25 6.38 -14.29
N ILE B 244 22.81 5.91 -15.41
CA ILE B 244 24.20 5.37 -15.46
C ILE B 244 25.13 6.57 -15.30
N PRO B 245 26.42 6.35 -14.93
CA PRO B 245 27.26 7.46 -14.51
C PRO B 245 27.50 8.51 -15.60
N ASP B 246 27.75 9.69 -15.08
CA ASP B 246 28.27 10.89 -15.77
C ASP B 246 29.39 10.46 -16.73
N GLY B 247 29.33 10.85 -18.00
CA GLY B 247 30.41 10.61 -18.98
C GLY B 247 30.43 9.20 -19.53
N VAL B 248 29.52 8.31 -19.15
CA VAL B 248 29.43 6.95 -19.74
C VAL B 248 28.38 6.99 -20.85
N SER B 249 28.77 6.64 -22.07
CA SER B 249 27.90 6.56 -23.27
C SER B 249 26.98 5.34 -23.12
N GLU B 250 25.65 5.52 -23.22
CA GLU B 250 24.68 4.43 -23.00
C GLU B 250 24.90 3.32 -24.03
N ALA B 251 25.35 3.66 -25.24
CA ALA B 251 25.51 2.69 -26.36
C ALA B 251 26.35 1.48 -25.94
N GLY B 252 27.51 1.68 -25.31
CA GLY B 252 28.35 0.54 -24.93
C GLY B 252 27.76 -0.22 -23.76
N TYR B 253 27.05 0.48 -22.87
CA TYR B 253 26.40 -0.12 -21.68
C TYR B 253 25.34 -1.07 -22.24
N VAL B 254 24.54 -0.56 -23.18
CA VAL B 254 23.47 -1.35 -23.84
C VAL B 254 24.09 -2.58 -24.49
N GLY B 255 25.20 -2.40 -25.20
CA GLY B 255 25.85 -3.55 -25.84
C GLY B 255 26.19 -4.59 -24.79
N ALA B 256 26.78 -4.18 -23.67
CA ALA B 256 27.17 -5.09 -22.57
C ALA B 256 25.94 -5.80 -22.00
N ILE B 257 24.79 -5.13 -21.86
CA ILE B 257 23.57 -5.80 -21.34
C ILE B 257 23.09 -6.87 -22.35
N ALA B 258 23.08 -6.50 -23.62
CA ALA B 258 22.53 -7.32 -24.74
C ALA B 258 23.51 -8.46 -25.11
N GLY B 259 24.78 -8.35 -24.71
CA GLY B 259 25.86 -9.29 -25.04
C GLY B 259 26.28 -9.18 -26.50
N GLU B 260 25.98 -8.06 -27.16
CA GLU B 260 26.43 -7.84 -28.56
C GLU B 260 26.20 -6.38 -28.95
N PRO B 261 26.85 -5.92 -30.03
CA PRO B 261 26.79 -4.50 -30.41
C PRO B 261 25.39 -4.07 -30.85
N ILE B 262 24.97 -2.86 -30.47
CA ILE B 262 23.85 -2.17 -31.16
C ILE B 262 24.40 -1.66 -32.50
N LYS B 263 23.71 -1.94 -33.59
CA LYS B 263 24.04 -1.43 -34.95
C LYS B 263 23.46 -0.03 -35.09
N LEU B 264 24.30 0.95 -35.38
CA LEU B 264 23.96 2.37 -35.52
C LEU B 264 24.19 2.79 -36.98
N VAL B 265 23.40 3.74 -37.42
CA VAL B 265 23.56 4.41 -38.73
C VAL B 265 23.81 5.89 -38.43
N LYS B 266 24.65 6.53 -39.22
CA LYS B 266 24.85 8.00 -39.09
C LYS B 266 23.54 8.68 -39.53
N CYS B 267 23.17 9.74 -38.83
CA CYS B 267 22.13 10.69 -39.27
C CYS B 267 22.56 11.27 -40.64
N ASP B 268 21.56 11.69 -41.41
CA ASP B 268 21.78 12.27 -42.77
C ASP B 268 22.27 13.71 -42.62
N THR B 269 21.83 14.45 -41.63
CA THR B 269 22.04 15.92 -41.61
C THR B 269 22.97 16.34 -40.46
N ASN B 270 23.49 15.40 -39.68
CA ASN B 270 24.55 15.71 -38.67
C ASN B 270 25.42 14.47 -38.46
N ASN B 271 26.36 14.55 -37.53
CA ASN B 271 27.37 13.51 -37.29
C ASN B 271 26.97 12.57 -36.15
N LEU B 272 25.71 12.61 -35.70
CA LEU B 272 25.23 11.69 -34.63
C LEU B 272 24.82 10.36 -35.24
N TYR B 273 24.72 9.34 -34.40
CA TYR B 273 24.37 7.97 -34.76
C TYR B 273 23.12 7.53 -34.01
N VAL B 274 22.23 6.87 -34.73
CA VAL B 274 20.96 6.35 -34.18
C VAL B 274 20.87 4.87 -34.48
N PRO B 275 20.06 4.10 -33.73
CA PRO B 275 19.87 2.69 -34.04
C PRO B 275 19.25 2.53 -35.44
N ALA B 276 19.88 1.65 -36.23
CA ALA B 276 19.64 1.46 -37.67
C ALA B 276 18.22 0.95 -37.90
N ASN B 277 17.62 0.30 -36.90
CA ASN B 277 16.26 -0.27 -37.01
C ASN B 277 15.26 0.55 -36.18
N SER B 278 15.59 1.79 -35.79
CA SER B 278 14.60 2.69 -35.14
C SER B 278 13.37 2.80 -36.03
N GLU B 279 12.19 3.03 -35.44
CA GLU B 279 10.95 3.26 -36.23
C GLU B 279 10.97 4.62 -36.89
N ILE B 280 11.33 5.68 -36.16
CA ILE B 280 11.24 7.09 -36.58
C ILE B 280 12.42 7.83 -35.94
N VAL B 281 13.13 8.64 -36.70
CA VAL B 281 14.19 9.54 -36.17
C VAL B 281 13.91 10.97 -36.58
N LEU B 282 13.95 11.90 -35.63
CA LEU B 282 14.03 13.34 -35.89
C LEU B 282 15.49 13.73 -35.76
N GLU B 283 16.02 14.45 -36.75
CA GLU B 283 17.40 14.98 -36.69
C GLU B 283 17.29 16.50 -36.68
N GLY B 284 18.07 17.17 -35.86
CA GLY B 284 18.08 18.62 -35.88
C GLY B 284 18.99 19.15 -34.81
N THR B 285 18.54 20.17 -34.10
CA THR B 285 19.38 20.84 -33.08
C THR B 285 18.58 21.11 -31.81
N LEU B 286 19.31 21.17 -30.68
CA LEU B 286 18.80 21.69 -29.39
C LEU B 286 19.41 23.08 -29.23
N SER B 287 18.59 24.08 -28.96
CA SER B 287 19.08 25.45 -28.81
C SER B 287 19.64 25.63 -27.41
N THR B 288 20.67 26.45 -27.29
CA THR B 288 21.16 26.93 -25.98
C THR B 288 20.54 28.30 -25.67
N THR B 289 19.85 28.95 -26.60
CA THR B 289 19.29 30.32 -26.39
C THR B 289 17.76 30.35 -26.52
N LYS B 290 17.18 29.68 -27.52
CA LYS B 290 15.73 29.80 -27.85
C LYS B 290 14.90 28.99 -26.83
N MET B 291 13.85 29.62 -26.30
CA MET B 291 12.94 29.00 -25.29
C MET B 291 11.51 29.10 -25.82
N ALA B 292 10.62 28.22 -25.37
CA ALA B 292 9.21 28.27 -25.77
C ALA B 292 8.38 27.69 -24.63
N PRO B 293 7.08 28.01 -24.52
CA PRO B 293 6.27 27.45 -23.45
C PRO B 293 6.21 25.93 -23.58
N GLU B 294 6.39 25.26 -22.44
CA GLU B 294 6.33 23.78 -22.39
C GLU B 294 5.42 23.39 -21.22
N GLY B 295 4.63 22.36 -21.45
CA GLY B 295 3.63 21.88 -20.48
C GLY B 295 2.40 22.78 -20.46
N PRO B 296 1.45 22.51 -19.55
CA PRO B 296 1.62 21.43 -18.58
C PRO B 296 1.49 20.03 -19.18
N PHE B 297 1.76 19.05 -18.32
CA PHE B 297 1.76 17.65 -18.71
C PHE B 297 1.36 16.79 -17.52
N GLY B 298 0.52 15.80 -17.78
CA GLY B 298 0.16 14.78 -16.79
C GLY B 298 1.38 13.89 -16.54
N GLU B 299 2.07 14.12 -15.43
CA GLU B 299 3.44 13.60 -15.22
C GLU B 299 3.44 12.41 -14.25
N MET B 300 4.64 11.94 -13.93
CA MET B 300 4.89 10.64 -13.29
C MET B 300 4.20 10.52 -11.92
N HIS B 301 3.94 11.63 -11.22
CA HIS B 301 3.30 11.57 -9.87
C HIS B 301 1.78 11.51 -9.95
N GLY B 302 1.19 11.74 -11.12
CA GLY B 302 -0.26 11.55 -11.35
C GLY B 302 -1.02 12.86 -11.45
N TYR B 303 -0.37 13.99 -11.72
CA TYR B 303 -1.01 15.33 -11.70
C TYR B 303 -0.76 16.14 -12.99
N VAL B 304 -1.77 16.90 -13.40
CA VAL B 304 -1.54 17.98 -14.38
C VAL B 304 -2.13 19.24 -13.75
N TYR B 305 -1.47 20.36 -13.97
CA TYR B 305 -1.90 21.70 -13.51
C TYR B 305 -2.34 22.48 -14.75
N PRO B 306 -3.65 22.52 -15.07
CA PRO B 306 -4.12 23.21 -16.27
C PRO B 306 -3.62 24.64 -16.34
N GLY B 307 -3.18 25.04 -17.53
CA GLY B 307 -2.71 26.41 -17.78
C GLY B 307 -1.28 26.67 -17.36
N GLU B 308 -0.60 25.77 -16.64
CA GLU B 308 0.72 26.07 -16.04
C GLU B 308 1.83 25.60 -16.98
N SER B 309 2.16 26.42 -17.97
CA SER B 309 3.33 26.19 -18.83
C SER B 309 4.54 26.92 -18.21
N HIS B 310 5.76 26.50 -18.55
CA HIS B 310 7.04 27.09 -18.10
C HIS B 310 7.95 27.10 -19.33
N PRO B 311 8.77 28.16 -19.55
CA PRO B 311 9.70 28.16 -20.69
C PRO B 311 10.61 26.92 -20.63
N ALA B 312 10.77 26.28 -21.78
CA ALA B 312 11.73 25.17 -21.96
C ALA B 312 12.50 25.35 -23.27
N PRO B 313 13.64 24.65 -23.41
CA PRO B 313 14.45 24.75 -24.62
C PRO B 313 13.70 24.30 -25.87
N VAL B 314 14.08 24.91 -26.98
CA VAL B 314 13.54 24.59 -28.33
C VAL B 314 14.44 23.60 -29.08
N TYR B 315 13.86 22.51 -29.54
CA TYR B 315 14.46 21.58 -30.52
C TYR B 315 13.96 21.96 -31.92
N THR B 316 14.88 22.10 -32.89
CA THR B 316 14.54 22.32 -34.31
C THR B 316 14.73 21.02 -35.09
N VAL B 317 13.72 20.62 -35.84
CA VAL B 317 13.72 19.36 -36.63
C VAL B 317 13.98 19.73 -38.09
N ASN B 318 15.00 19.12 -38.69
CA ASN B 318 15.50 19.44 -40.06
C ASN B 318 15.30 18.24 -40.97
N LYS B 319 15.15 17.05 -40.39
CA LYS B 319 14.85 15.85 -41.19
C LYS B 319 14.14 14.82 -40.33
N ILE B 320 13.19 14.13 -40.94
CA ILE B 320 12.57 12.94 -40.32
C ILE B 320 12.93 11.77 -41.23
N THR B 321 13.43 10.67 -40.69
CA THR B 321 13.54 9.39 -41.45
C THR B 321 12.77 8.33 -40.69
N TYR B 322 12.18 7.38 -41.43
CA TYR B 322 11.34 6.36 -40.79
C TYR B 322 11.20 5.09 -41.61
N ARG B 323 10.88 4.05 -40.88
CA ARG B 323 10.59 2.71 -41.42
C ARG B 323 9.24 2.74 -42.13
N ASN B 324 9.05 1.83 -43.07
CA ASN B 324 7.70 1.50 -43.59
C ASN B 324 6.86 1.00 -42.42
N ASN B 325 5.60 1.43 -42.36
CA ASN B 325 4.60 1.02 -41.32
C ASN B 325 5.10 1.43 -39.92
N ALA B 326 5.74 2.60 -39.85
CA ALA B 326 6.37 3.17 -38.63
C ALA B 326 5.35 3.14 -37.48
N ILE B 327 5.84 2.81 -36.29
CA ILE B 327 5.11 2.85 -34.99
C ILE B 327 5.78 3.88 -34.05
N LEU B 328 4.99 4.81 -33.52
CA LEU B 328 5.40 5.74 -32.45
C LEU B 328 4.99 5.13 -31.12
N PRO B 329 5.93 4.81 -30.21
CA PRO B 329 5.55 4.40 -28.87
C PRO B 329 5.07 5.62 -28.08
N MET B 330 4.15 5.36 -27.16
CA MET B 330 3.47 6.37 -26.33
C MET B 330 3.32 5.86 -24.89
N SER B 331 3.79 6.62 -23.92
CA SER B 331 3.53 6.39 -22.48
C SER B 331 2.42 7.34 -22.06
N ALA B 332 1.23 6.84 -21.71
CA ALA B 332 0.14 7.71 -21.21
C ALA B 332 0.31 7.77 -19.69
N CYS B 333 1.23 8.60 -19.21
CA CYS B 333 1.69 8.43 -17.81
C CYS B 333 0.78 9.21 -16.85
N GLY B 334 0.90 8.91 -15.56
CA GLY B 334 -0.04 9.39 -14.55
C GLY B 334 -0.13 8.48 -13.35
N ARG B 335 -1.33 8.16 -12.95
CA ARG B 335 -1.60 7.28 -11.79
C ARG B 335 -1.22 5.87 -12.20
N LEU B 336 -1.03 5.01 -11.21
CA LEU B 336 -0.49 3.64 -11.40
C LEU B 336 -1.30 2.88 -12.45
N THR B 337 -0.63 2.02 -13.26
CA THR B 337 0.80 1.80 -13.30
C THR B 337 1.28 1.94 -14.76
N ASP B 338 2.21 2.84 -14.99
CA ASP B 338 2.78 3.06 -16.35
C ASP B 338 4.32 3.05 -16.31
N GLU B 339 4.93 3.40 -17.43
CA GLU B 339 6.40 3.34 -17.63
C GLU B 339 7.11 4.23 -16.60
N THR B 340 6.48 5.33 -16.21
CA THR B 340 7.15 6.24 -15.24
C THR B 340 7.32 5.52 -13.90
N GLN B 341 6.48 4.56 -13.53
CA GLN B 341 6.65 3.84 -12.24
C GLN B 341 7.41 2.53 -12.48
N THR B 342 7.25 1.89 -13.64
CA THR B 342 7.90 0.58 -13.85
C THR B 342 9.39 0.82 -14.22
N MET B 343 9.78 2.02 -14.70
CA MET B 343 11.14 2.25 -15.21
C MET B 343 11.87 3.31 -14.37
N ILE B 344 11.27 4.43 -14.04
CA ILE B 344 12.05 5.58 -13.52
C ILE B 344 12.49 5.26 -12.08
N GLY B 345 11.55 4.91 -11.20
CA GLY B 345 11.87 4.70 -9.78
C GLY B 345 12.67 3.43 -9.62
N THR B 346 12.35 2.41 -10.39
CA THR B 346 12.95 1.07 -10.22
C THR B 346 14.40 1.15 -10.68
N LEU B 347 14.68 1.86 -11.75
CA LEU B 347 16.07 1.92 -12.25
C LEU B 347 16.87 2.89 -11.40
N ALA B 348 16.25 3.91 -10.82
CA ALA B 348 16.95 4.77 -9.83
C ALA B 348 17.32 3.92 -8.62
N ALA B 349 16.40 3.06 -8.18
CA ALA B 349 16.61 2.12 -7.05
C ALA B 349 17.84 1.24 -7.29
N ALA B 350 17.95 0.68 -8.49
CA ALA B 350 19.09 -0.18 -8.88
C ALA B 350 20.38 0.64 -8.73
N GLU B 351 20.40 1.87 -9.20
CA GLU B 351 21.65 2.68 -9.13
C GLU B 351 21.92 3.10 -7.68
N ILE B 352 20.88 3.38 -6.90
CA ILE B 352 21.05 3.74 -5.47
C ILE B 352 21.65 2.51 -4.75
N ARG B 353 21.20 1.31 -5.04
CA ARG B 353 21.80 0.10 -4.41
C ARG B 353 23.32 0.07 -4.67
N GLN B 354 23.70 0.26 -5.91
CA GLN B 354 25.13 0.20 -6.31
C GLN B 354 25.93 1.33 -5.65
N LEU B 355 25.38 2.55 -5.54
CA LEU B 355 26.07 3.68 -4.88
C LEU B 355 26.31 3.31 -3.41
N CYS B 356 25.31 2.74 -2.73
CA CYS B 356 25.37 2.39 -1.29
C CYS B 356 26.49 1.37 -1.11
N GLN B 357 26.61 0.40 -2.02
CA GLN B 357 27.65 -0.66 -1.95
C GLN B 357 29.03 -0.05 -2.16
N ARG B 358 29.16 0.86 -3.14
N ARG B 358 29.21 0.89 -3.09
CA ARG B 358 30.36 1.71 -3.40
CA ARG B 358 30.54 1.54 -3.29
C ARG B 358 30.84 2.34 -2.10
C ARG B 358 30.89 2.37 -2.06
N ALA B 359 29.91 2.99 -1.37
CA ALA B 359 30.19 3.78 -0.15
C ALA B 359 30.49 2.86 1.04
N GLY B 360 30.30 1.55 0.90
CA GLY B 360 30.58 0.54 1.93
C GLY B 360 29.42 0.33 2.88
N LEU B 361 28.22 0.79 2.51
CA LEU B 361 27.01 0.55 3.34
C LEU B 361 26.53 -0.86 3.08
N PRO B 362 25.96 -1.50 4.11
CA PRO B 362 25.52 -2.90 4.01
C PRO B 362 24.15 -3.08 3.35
N ILE B 363 24.02 -2.61 2.10
CA ILE B 363 22.73 -2.66 1.35
C ILE B 363 22.84 -3.78 0.32
N THR B 364 21.92 -4.73 0.30
CA THR B 364 21.96 -5.90 -0.62
C THR B 364 21.00 -5.69 -1.80
N ASP B 365 19.94 -4.91 -1.61
CA ASP B 365 18.84 -4.87 -2.60
C ASP B 365 18.09 -3.55 -2.42
N ALA B 366 17.43 -3.11 -3.48
CA ALA B 366 16.65 -1.87 -3.42
C ALA B 366 15.52 -1.96 -4.45
N PHE B 367 14.40 -1.35 -4.13
CA PHE B 367 13.26 -1.30 -5.08
C PHE B 367 12.43 -0.06 -4.78
N ALA B 368 11.66 0.40 -5.75
CA ALA B 368 10.82 1.61 -5.60
C ALA B 368 9.38 1.09 -5.54
N PRO B 369 8.78 0.96 -4.34
CA PRO B 369 7.44 0.39 -4.23
C PRO B 369 6.43 1.24 -5.01
N PHE B 370 5.53 0.60 -5.74
CA PHE B 370 4.62 1.34 -6.66
C PHE B 370 3.79 2.37 -5.86
N VAL B 371 3.36 2.00 -4.64
CA VAL B 371 2.55 2.87 -3.72
C VAL B 371 3.27 4.20 -3.46
N GLY B 372 4.60 4.25 -3.53
CA GLY B 372 5.32 5.52 -3.31
C GLY B 372 5.30 6.40 -4.54
N GLN B 373 4.67 5.95 -5.65
CA GLN B 373 4.55 6.79 -6.87
C GLN B 373 5.94 7.28 -7.30
N ALA B 374 6.95 6.41 -7.33
CA ALA B 374 8.32 6.70 -7.81
C ALA B 374 9.01 7.79 -6.94
N THR B 375 8.57 8.02 -5.70
CA THR B 375 9.22 8.98 -4.75
C THR B 375 9.89 8.21 -3.60
N TRP B 376 9.61 6.92 -3.47
CA TRP B 376 10.11 6.05 -2.37
C TRP B 376 11.07 5.02 -2.92
N VAL B 377 12.14 4.75 -2.17
CA VAL B 377 12.97 3.54 -2.38
C VAL B 377 13.19 2.84 -1.04
N ALA B 378 12.96 1.54 -1.04
CA ALA B 378 13.19 0.62 0.08
C ALA B 378 14.56 -0.04 -0.10
N LEU B 379 15.41 0.07 0.92
CA LEU B 379 16.79 -0.49 0.90
C LEU B 379 16.87 -1.66 1.85
N LYS B 380 17.22 -2.83 1.35
CA LYS B 380 17.31 -4.06 2.15
C LYS B 380 18.72 -4.11 2.78
N VAL B 381 18.79 -4.27 4.10
CA VAL B 381 20.06 -4.23 4.88
C VAL B 381 20.52 -5.66 5.19
N ASP B 382 21.80 -5.91 4.95
CA ASP B 382 22.48 -7.15 5.39
C ASP B 382 22.74 -7.01 6.90
N THR B 383 21.88 -7.59 7.74
CA THR B 383 21.84 -7.22 9.18
C THR B 383 23.04 -7.87 9.88
N HIS B 384 23.55 -8.99 9.39
CA HIS B 384 24.82 -9.61 9.90
C HIS B 384 25.97 -8.61 9.79
N ARG B 385 26.15 -8.05 8.58
CA ARG B 385 27.16 -7.00 8.35
C ARG B 385 26.87 -5.76 9.22
N LEU B 386 25.61 -5.38 9.35
CA LEU B 386 25.26 -4.19 10.12
C LEU B 386 25.65 -4.41 11.59
N ARG B 387 25.39 -5.59 12.13
CA ARG B 387 25.70 -5.80 13.58
C ARG B 387 27.22 -5.70 13.80
N ALA B 388 28.00 -6.11 12.83
CA ALA B 388 29.48 -6.02 12.94
C ALA B 388 29.90 -4.55 13.05
N MET B 389 29.13 -3.58 12.56
CA MET B 389 29.49 -2.15 12.62
C MET B 389 29.17 -1.54 13.99
N LYS B 390 28.35 -2.21 14.81
CA LYS B 390 27.98 -1.72 16.16
C LYS B 390 27.55 -0.24 16.08
N THR B 391 26.55 0.03 15.23
CA THR B 391 25.97 1.39 15.04
C THR B 391 24.54 1.42 15.60
N ASN B 392 23.81 2.47 15.32
CA ASN B 392 22.38 2.61 15.68
C ASN B 392 21.64 3.19 14.49
N GLY B 393 20.31 3.11 14.51
CA GLY B 393 19.46 3.55 13.39
C GLY B 393 19.62 5.02 13.13
N LYS B 394 19.69 5.83 14.18
CA LYS B 394 19.78 7.31 14.05
C LYS B 394 21.06 7.69 13.28
N ALA B 395 22.21 7.10 13.62
CA ALA B 395 23.51 7.40 12.94
C ALA B 395 23.51 6.84 11.50
N PHE B 396 23.02 5.62 11.33
CA PHE B 396 22.99 4.88 10.06
C PHE B 396 22.06 5.59 9.06
N ALA B 397 20.85 5.98 9.46
CA ALA B 397 19.91 6.73 8.59
C ALA B 397 20.56 8.02 8.08
N LYS B 398 21.20 8.81 8.97
CA LYS B 398 21.88 10.07 8.54
C LYS B 398 22.93 9.73 7.48
N ARG B 399 23.73 8.70 7.68
CA ARG B 399 24.84 8.37 6.74
C ARG B 399 24.27 7.95 5.39
N VAL B 400 23.20 7.14 5.39
CA VAL B 400 22.57 6.68 4.12
C VAL B 400 22.07 7.92 3.36
N GLY B 401 21.36 8.83 4.01
CA GLY B 401 20.83 10.02 3.35
C GLY B 401 21.92 10.93 2.82
N ASP B 402 23.00 11.08 3.58
CA ASP B 402 24.13 11.97 3.18
C ASP B 402 24.76 11.43 1.89
N VAL B 403 24.80 10.11 1.70
CA VAL B 403 25.41 9.48 0.48
C VAL B 403 24.42 9.63 -0.68
N VAL B 404 23.18 9.24 -0.46
CA VAL B 404 22.20 9.10 -1.57
C VAL B 404 21.65 10.46 -2.01
N PHE B 405 21.24 11.32 -1.08
CA PHE B 405 20.48 12.54 -1.40
C PHE B 405 21.39 13.65 -1.95
N THR B 406 22.71 13.47 -2.05
CA THR B 406 23.59 14.51 -2.70
C THR B 406 24.16 13.96 -4.00
N GLN B 407 23.54 12.91 -4.54
CA GLN B 407 23.94 12.30 -5.82
C GLN B 407 22.75 12.39 -6.78
N LYS B 408 23.03 12.54 -8.07
CA LYS B 408 21.99 12.54 -9.11
C LYS B 408 21.08 11.31 -8.96
N VAL B 409 21.59 10.09 -8.70
CA VAL B 409 20.73 8.86 -8.70
C VAL B 409 19.66 8.97 -7.59
N GLY B 410 19.86 9.80 -6.56
CA GLY B 410 18.89 10.02 -5.47
C GLY B 410 17.98 11.23 -5.70
N TYR B 411 18.08 11.96 -6.83
CA TYR B 411 17.44 13.29 -6.97
C TYR B 411 15.91 13.15 -6.85
N MET B 412 15.36 12.15 -7.53
CA MET B 412 13.88 12.08 -7.67
C MET B 412 13.25 11.39 -6.45
N ILE B 413 14.08 10.84 -5.57
CA ILE B 413 13.60 9.97 -4.45
C ILE B 413 13.57 10.84 -3.18
N HIS B 414 12.42 10.96 -2.54
CA HIS B 414 12.24 11.79 -1.34
C HIS B 414 12.16 10.96 -0.04
N ARG B 415 11.91 9.67 -0.10
CA ARG B 415 11.87 8.85 1.13
C ARG B 415 12.63 7.57 0.85
N LEU B 416 13.68 7.32 1.65
CA LEU B 416 14.36 6.00 1.69
C LEU B 416 13.84 5.26 2.91
N ILE B 417 13.44 4.02 2.72
CA ILE B 417 12.98 3.18 3.87
C ILE B 417 14.00 2.08 4.05
N LEU B 418 14.70 2.08 5.18
CA LEU B 418 15.67 1.01 5.52
C LEU B 418 14.94 -0.14 6.18
N VAL B 419 15.06 -1.35 5.64
CA VAL B 419 14.40 -2.57 6.18
C VAL B 419 15.43 -3.68 6.33
N GLY B 420 15.18 -4.60 7.26
CA GLY B 420 16.06 -5.74 7.50
C GLY B 420 15.85 -6.83 6.49
N ASP B 421 16.70 -7.83 6.51
CA ASP B 421 16.72 -8.87 5.45
C ASP B 421 15.63 -9.94 5.70
N ASP B 422 14.64 -9.71 6.57
CA ASP B 422 13.41 -10.57 6.57
C ASP B 422 12.35 -9.95 5.64
N ILE B 423 12.59 -8.76 5.10
CA ILE B 423 11.58 -8.04 4.28
C ILE B 423 11.96 -8.21 2.80
N ASP B 424 11.00 -8.65 2.01
CA ASP B 424 11.13 -8.64 0.54
C ASP B 424 10.89 -7.23 0.01
N VAL B 425 11.93 -6.49 -0.38
CA VAL B 425 11.80 -5.08 -0.84
C VAL B 425 11.02 -5.01 -2.16
N TYR B 426 10.88 -6.12 -2.88
CA TYR B 426 10.18 -6.15 -4.18
C TYR B 426 8.68 -6.30 -3.95
N ASP B 427 8.23 -6.51 -2.70
CA ASP B 427 6.79 -6.71 -2.33
C ASP B 427 6.31 -5.47 -1.57
N ASP B 428 5.46 -4.64 -2.18
CA ASP B 428 4.95 -3.38 -1.57
C ASP B 428 4.38 -3.70 -0.17
N LYS B 429 3.69 -4.84 -0.02
CA LYS B 429 2.96 -5.15 1.24
C LYS B 429 3.98 -5.34 2.37
N ASP B 430 5.06 -6.07 2.12
CA ASP B 430 6.11 -6.31 3.14
C ASP B 430 6.73 -4.99 3.51
N VAL B 431 7.03 -4.17 2.51
CA VAL B 431 7.71 -2.88 2.77
C VAL B 431 6.79 -2.02 3.65
N MET B 432 5.51 -1.92 3.32
CA MET B 432 4.55 -1.07 4.07
C MET B 432 4.39 -1.65 5.50
N TRP B 433 4.38 -2.97 5.64
CA TRP B 433 4.25 -3.61 6.98
C TRP B 433 5.46 -3.22 7.83
N ALA B 434 6.66 -3.27 7.26
CA ALA B 434 7.89 -2.89 8.01
C ALA B 434 7.81 -1.41 8.35
N PHE B 435 7.47 -0.58 7.36
CA PHE B 435 7.38 0.88 7.57
C PHE B 435 6.42 1.18 8.73
N ALA B 436 5.22 0.61 8.71
CA ALA B 436 4.15 0.98 9.66
C ALA B 436 4.44 0.46 11.07
N THR B 437 5.25 -0.58 11.22
CA THR B 437 5.40 -1.28 12.52
C THR B 437 6.82 -1.19 13.07
N ARG B 438 7.79 -0.75 12.28
CA ARG B 438 9.22 -0.76 12.70
C ARG B 438 9.80 0.64 12.71
N CYS B 439 9.14 1.63 12.15
CA CYS B 439 9.69 2.99 12.06
C CYS B 439 8.82 3.91 12.90
N ARG B 440 9.29 4.22 14.10
CA ARG B 440 8.60 5.16 15.00
C ARG B 440 8.58 6.54 14.38
N PRO B 441 7.40 7.08 14.04
CA PRO B 441 7.31 8.40 13.40
C PRO B 441 8.10 9.51 14.11
N GLY B 442 8.91 10.25 13.35
CA GLY B 442 9.73 11.36 13.89
C GLY B 442 10.99 10.84 14.57
N THR B 443 10.83 10.05 15.63
CA THR B 443 11.95 9.42 16.38
C THR B 443 12.93 8.68 15.45
N ASP B 444 12.43 7.80 14.57
CA ASP B 444 13.26 6.91 13.73
C ASP B 444 13.48 7.50 12.34
N GLU B 445 13.25 8.78 12.17
CA GLU B 445 13.42 9.42 10.84
C GLU B 445 14.49 10.49 10.92
N VAL B 446 15.23 10.63 9.83
CA VAL B 446 16.17 11.76 9.69
C VAL B 446 15.72 12.56 8.49
N PHE B 447 15.44 13.82 8.70
CA PHE B 447 14.92 14.76 7.71
C PHE B 447 16.09 15.53 7.10
N PHE B 448 16.01 15.77 5.79
CA PHE B 448 17.07 16.46 5.01
C PHE B 448 16.48 17.73 4.38
N ASP B 449 16.79 18.90 4.95
CA ASP B 449 16.23 20.22 4.55
C ASP B 449 17.06 20.91 3.47
N ASP B 450 18.30 20.48 3.24
CA ASP B 450 19.32 21.26 2.49
C ASP B 450 19.71 20.60 1.16
N VAL B 451 19.22 19.39 0.89
CA VAL B 451 19.60 18.62 -0.34
C VAL B 451 18.70 19.07 -1.49
N PRO B 452 19.09 18.86 -2.76
CA PRO B 452 18.20 19.17 -3.87
C PRO B 452 16.91 18.36 -3.76
N GLY B 453 15.78 19.07 -3.95
CA GLY B 453 14.41 18.52 -3.96
C GLY B 453 13.86 18.44 -5.37
N PHE B 454 13.10 17.40 -5.65
CA PHE B 454 12.47 17.17 -6.97
C PHE B 454 11.21 18.01 -7.08
N TRP B 455 11.28 19.13 -7.82
CA TRP B 455 10.25 20.19 -7.82
C TRP B 455 8.98 19.67 -8.51
N LEU B 456 9.06 18.62 -9.31
CA LEU B 456 7.86 18.08 -10.02
C LEU B 456 6.84 17.49 -9.04
N ILE B 457 7.29 17.00 -7.88
CA ILE B 457 6.34 16.45 -6.87
C ILE B 457 5.45 17.59 -6.40
N PRO B 458 4.12 17.46 -6.43
CA PRO B 458 3.25 18.57 -6.01
C PRO B 458 3.57 19.17 -4.64
N TYR B 459 3.93 18.37 -3.61
CA TYR B 459 4.21 18.91 -2.26
C TYR B 459 5.48 19.78 -2.32
N MET B 460 6.23 19.74 -3.43
CA MET B 460 7.41 20.62 -3.61
C MET B 460 6.98 21.91 -4.33
N SER B 461 6.68 21.86 -5.64
CA SER B 461 6.34 23.04 -6.49
C SER B 461 5.06 23.77 -6.02
N HIS B 462 4.10 23.03 -5.47
CA HIS B 462 2.78 23.55 -5.04
C HIS B 462 2.63 23.36 -3.52
N GLY B 463 3.74 23.43 -2.78
CA GLY B 463 3.72 23.13 -1.35
C GLY B 463 4.09 24.33 -0.49
N ASN B 464 4.50 24.04 0.72
CA ASN B 464 4.64 25.01 1.85
C ASN B 464 6.09 25.47 1.99
N ALA B 465 7.02 24.90 1.24
CA ALA B 465 8.43 25.32 1.41
C ALA B 465 9.14 25.44 0.06
N GLU B 466 10.45 25.61 0.05
CA GLU B 466 11.22 25.85 -1.21
C GLU B 466 10.96 24.71 -2.20
N ALA B 467 10.58 25.04 -3.43
CA ALA B 467 10.23 24.02 -4.44
C ALA B 467 11.45 23.17 -4.81
N ILE B 468 12.70 23.68 -4.75
CA ILE B 468 13.89 22.92 -5.25
C ILE B 468 14.82 22.43 -4.14
N LYS B 469 14.43 22.54 -2.86
CA LYS B 469 15.37 22.25 -1.77
C LYS B 469 14.60 21.52 -0.66
N GLY B 470 15.15 20.42 -0.19
CA GLY B 470 14.71 19.70 1.01
C GLY B 470 13.49 18.83 0.76
N GLY B 471 12.77 18.47 1.82
CA GLY B 471 11.59 17.61 1.77
C GLY B 471 11.92 16.15 1.66
N LYS B 472 13.11 15.75 2.08
CA LYS B 472 13.51 14.33 2.08
C LYS B 472 13.66 13.74 3.47
N VAL B 473 13.65 12.42 3.53
CA VAL B 473 13.67 11.69 4.81
C VAL B 473 14.26 10.33 4.58
N VAL B 474 15.02 9.85 5.55
CA VAL B 474 15.37 8.41 5.64
C VAL B 474 14.62 7.87 6.86
N SER B 475 13.83 6.83 6.62
CA SER B 475 12.97 6.18 7.61
C SER B 475 13.65 4.88 8.05
N ASP B 476 14.08 4.83 9.30
CA ASP B 476 14.74 3.63 9.88
C ASP B 476 13.66 2.63 10.27
N ALA B 477 13.37 1.66 9.43
CA ALA B 477 12.39 0.59 9.71
C ALA B 477 13.10 -0.71 10.05
N LEU B 478 14.26 -0.63 10.73
CA LEU B 478 14.86 -1.77 11.46
C LEU B 478 14.52 -1.60 12.94
N LEU B 479 14.08 -2.66 13.59
CA LEU B 479 13.85 -2.62 15.04
C LEU B 479 15.21 -2.50 15.74
N THR B 480 15.21 -1.94 16.94
CA THR B 480 16.42 -1.57 17.73
C THR B 480 17.40 -2.74 17.81
N ALA B 481 16.92 -3.93 18.11
CA ALA B 481 17.74 -5.15 18.35
C ALA B 481 18.43 -5.61 17.04
N GLU B 482 17.92 -5.24 15.86
CA GLU B 482 18.58 -5.66 14.58
C GLU B 482 19.99 -5.07 14.51
N TYR B 483 20.23 -3.93 15.16
CA TYR B 483 21.55 -3.24 15.17
C TYR B 483 22.52 -3.91 16.17
N THR B 484 22.03 -4.72 17.11
CA THR B 484 22.84 -5.16 18.30
C THR B 484 22.91 -6.68 18.32
N THR B 485 21.90 -7.37 18.87
CA THR B 485 21.96 -8.82 19.10
C THR B 485 21.19 -9.63 18.04
N GLY B 486 20.29 -9.00 17.28
CA GLY B 486 19.66 -9.68 16.16
C GLY B 486 18.14 -9.75 16.31
N LYS B 487 17.50 -10.27 15.29
CA LYS B 487 16.02 -10.41 15.23
C LYS B 487 15.56 -11.32 16.38
N ASP B 488 14.60 -10.83 17.18
CA ASP B 488 14.10 -11.50 18.43
C ASP B 488 12.57 -11.72 18.34
N TRP B 489 11.95 -11.55 17.17
CA TRP B 489 10.51 -11.85 16.95
C TRP B 489 10.35 -12.92 15.87
N GLU B 490 9.11 -13.37 15.72
CA GLU B 490 8.64 -14.28 14.66
C GLU B 490 7.40 -13.59 14.07
N SER B 491 7.23 -13.56 12.75
CA SER B 491 5.97 -13.06 12.12
C SER B 491 4.82 -13.94 12.56
N ALA B 492 3.68 -13.31 12.84
CA ALA B 492 2.40 -13.98 13.11
C ALA B 492 1.72 -14.22 11.75
N ASP B 493 2.34 -15.07 10.93
CA ASP B 493 1.82 -15.40 9.59
C ASP B 493 1.94 -16.91 9.36
N PHE B 494 1.28 -17.39 8.32
CA PHE B 494 1.20 -18.83 8.04
C PHE B 494 2.62 -19.38 7.95
N LYS B 495 3.48 -18.67 7.21
CA LYS B 495 4.87 -19.10 6.91
C LYS B 495 5.72 -19.27 8.20
N ASN B 496 5.56 -18.43 9.21
CA ASN B 496 6.55 -18.33 10.30
C ASN B 496 5.97 -18.76 11.65
N SER B 497 4.64 -18.89 11.80
CA SER B 497 4.03 -19.14 13.13
C SER B 497 3.53 -20.57 13.27
N TYR B 498 3.82 -21.42 12.28
CA TYR B 498 3.34 -22.82 12.27
C TYR B 498 4.47 -23.70 11.77
N PRO B 499 4.67 -24.89 12.36
CA PRO B 499 5.72 -25.78 11.93
C PRO B 499 5.47 -26.34 10.52
N LYS B 500 6.56 -26.66 9.84
CA LYS B 500 6.58 -27.30 8.50
C LYS B 500 5.55 -28.43 8.41
N SER B 501 5.49 -29.33 9.40
CA SER B 501 4.59 -30.52 9.36
C SER B 501 3.14 -30.03 9.22
N ILE B 502 2.76 -29.09 10.08
CA ILE B 502 1.39 -28.49 10.13
C ILE B 502 1.15 -27.77 8.80
N GLN B 503 2.08 -26.94 8.33
CA GLN B 503 1.88 -26.23 7.06
C GLN B 503 1.58 -27.25 5.95
N ASP B 504 2.39 -28.31 5.86
CA ASP B 504 2.25 -29.30 4.76
C ASP B 504 0.89 -30.02 4.88
N LYS B 505 0.48 -30.44 6.08
CA LYS B 505 -0.82 -31.11 6.32
C LYS B 505 -1.94 -30.20 5.81
N VAL B 506 -1.86 -28.90 6.11
CA VAL B 506 -2.88 -27.91 5.67
C VAL B 506 -2.85 -27.80 4.14
N LEU B 507 -1.69 -27.51 3.54
CA LEU B 507 -1.61 -27.23 2.10
C LEU B 507 -2.10 -28.45 1.31
N ASN B 508 -1.89 -29.68 1.82
CA ASN B 508 -2.18 -30.95 1.10
C ASN B 508 -3.68 -31.22 1.09
N SER B 509 -4.39 -30.71 2.09
CA SER B 509 -5.83 -30.94 2.31
C SER B 509 -6.67 -29.72 1.91
N TRP B 510 -6.03 -28.61 1.56
CA TRP B 510 -6.66 -27.29 1.33
C TRP B 510 -7.85 -27.40 0.36
N GLU B 511 -7.61 -27.84 -0.88
CA GLU B 511 -8.67 -27.96 -1.91
C GLU B 511 -9.66 -29.07 -1.52
N ARG B 512 -9.22 -30.21 -1.02
CA ARG B 512 -10.16 -31.31 -0.66
C ARG B 512 -11.18 -30.79 0.37
N LEU B 513 -10.74 -30.04 1.40
CA LEU B 513 -11.61 -29.48 2.47
C LEU B 513 -12.59 -28.44 1.89
N GLY B 514 -12.32 -27.81 0.76
CA GLY B 514 -13.28 -26.89 0.14
C GLY B 514 -12.75 -25.49 -0.03
N PHE B 515 -11.48 -25.21 0.26
CA PHE B 515 -10.91 -23.84 0.08
C PHE B 515 -10.47 -23.67 -1.38
N LYS B 516 -10.22 -22.44 -1.81
CA LYS B 516 -9.80 -22.17 -3.22
C LYS B 516 -8.29 -22.44 -3.37
N LYS B 517 -7.83 -22.73 -4.60
CA LYS B 517 -6.45 -23.17 -4.98
C LYS B 517 -5.40 -22.14 -4.55
C1 JRK C . -7.01 -4.62 24.29
C3 JRK C . -6.92 -6.64 22.42
C5 JRK C . -8.39 -7.71 20.71
C8 JRK C . -9.69 -8.70 18.90
N2 JRK C . -7.77 -4.46 23.20
N4 JRK C . -8.86 -5.44 21.47
C9 JRK C . -10.46 -7.54 18.84
C10 JRK C . -10.19 -6.47 19.68
N1 JRK C . -6.50 -5.82 24.67
C2 JRK C . -6.54 -6.90 23.88
C4 JRK C . -7.89 -5.48 22.42
N3 JRK C . -7.37 -7.79 21.71
C6 JRK C . -9.17 -6.54 20.63
C7 JRK C . -8.65 -8.81 19.86
O1 JRK C . -6.84 -3.69 25.05
O2 JRK C . -6.20 -7.99 24.30
C11 JRK C . -11.57 -7.36 17.83
C12 JRK C . -10.05 -9.86 18.01
C13 JRK C . -9.47 -4.12 21.21
C14 JRK C . -10.56 -3.78 22.21
C15 JRK C . -11.14 -2.40 21.85
O3 JRK C . -11.62 -4.71 22.16
C16 JRK C . -12.41 -2.02 22.62
O4 JRK C . -10.07 -1.45 22.08
C17 JRK C . -12.24 -2.02 24.13
O5 JRK C . -12.79 -0.69 22.25
O6 JRK C . -13.54 -1.77 24.70
P1 JRK C . -13.75 -0.62 25.78
O7 JRK C . -13.70 0.62 24.99
O8 JRK C . -12.58 -0.79 26.76
O9 JRK C . -15.09 -0.95 26.34
C18 JRK C . -6.14 -8.60 21.46
C19 JRK C . -6.30 -9.51 20.25
C20 JRK C . -7.74 -10.03 20.08
C21 JRK C . -8.18 -10.73 21.35
C22 JRK C . -7.68 -11.07 18.95
C23 JRK C . -5.56 -6.37 21.69
C24 JRK C . -5.06 -7.54 21.24
C25 JRK C . -4.91 -5.03 21.66
C26 JRK C . -3.77 -7.89 20.77
O10 JRK C . -3.14 -8.80 21.37
O11 JRK C . -3.28 -7.33 19.77
K K D . 0.70 19.23 2.38
K K E . -16.42 -1.72 23.91
K K F . -24.20 -25.01 13.06
MN MN G . -16.74 0.44 26.95
C1 JRK H . 13.40 13.84 -16.87
C3 JRK H . 11.05 12.64 -17.60
C5 JRK H . 10.26 10.45 -18.48
C8 JRK H . 9.39 8.30 -19.24
N2 JRK H . 13.32 12.53 -16.70
N4 JRK H . 12.38 10.53 -17.28
C9 JRK H . 10.50 7.68 -18.67
C10 JRK H . 11.50 8.42 -18.05
N1 JRK H . 12.59 14.51 -17.73
C2 JRK H . 11.49 13.93 -18.25
C4 JRK H . 12.30 11.90 -17.18
N3 JRK H . 10.16 11.83 -18.41
C6 JRK H . 11.41 9.79 -17.92
C7 JRK H . 9.25 9.70 -19.14
O1 JRK H . 14.15 14.48 -16.15
O2 JRK H . 10.84 14.50 -19.08
C11 JRK H . 10.66 6.19 -18.75
C12 JRK H . 8.35 7.41 -19.90
C13 JRK H . 13.49 9.85 -16.55
C14 JRK H . 14.82 9.88 -17.28
C15 JRK H . 15.88 9.24 -16.36
O3 JRK H . 14.78 9.21 -18.51
C16 JRK H . 17.23 8.98 -17.04
O4 JRK H . 16.05 10.11 -15.22
C17 JRK H . 17.86 10.22 -17.61
O5 JRK H . 18.11 8.34 -16.10
O6 JRK H . 19.05 9.79 -18.35
P1 JRK H . 20.46 10.48 -17.98
O7 JRK H . 20.31 11.96 -17.85
O8 JRK H . 21.28 9.98 -19.18
O9 JRK H . 20.87 9.78 -16.70
C18 JRK H . 8.83 12.50 -18.33
C19 JRK H . 7.72 11.52 -18.59
C20 JRK H . 8.06 10.51 -19.69
C21 JRK H . 8.45 11.26 -20.96
C22 JRK H . 6.77 9.74 -19.96
C23 JRK H . 10.05 13.06 -16.45
C24 JRK H . 8.79 13.09 -16.94
C25 JRK H . 10.51 13.42 -15.07
C26 JRK H . 7.61 13.62 -16.39
O10 JRK H . 7.02 14.55 -16.96
O11 JRK H . 7.22 13.17 -15.28
K K I . 3.64 -5.04 -36.67
K K J . 33.51 18.60 -23.00
K K K . 13.28 1.66 13.93
K K L . 20.29 7.30 -19.39
MN MN M . 23.41 9.32 -19.15
#